data_4MM2
#
_entry.id   4MM2
#
_cell.length_a   48.370
_cell.length_b   196.040
_cell.length_c   53.960
_cell.angle_alpha   90.00
_cell.angle_beta   114.72
_cell.angle_gamma   90.00
#
_symmetry.space_group_name_H-M   'P 1 21 1'
#
loop_
_entity.id
_entity.type
_entity.pdbx_description
1 polymer 'DNA primase small subunit'
2 non-polymer 'CADMIUM ION'
3 non-polymer 'CITRIC ACID'
4 water water
#
_entity_poly.entity_id   1
_entity_poly.type   'polypeptide(L)'
_entity_poly.pdbx_seq_one_letter_code
;GAMGSMTNSVKTNGPSSSDMEYYYKSLYPFKHIFNWLNHSPKPSRDMINREFAMAFRSGAYKRYNSFNSVQDFKAQIEKA
NPDRFEIGAIYNKPPRERDTLLKSELKALEKELVFDIDMDDYDAFRTCCSGAQVCSKCWKFISLAMKITNTALREDFGYK
DFIWVFSGRRGAHCWVSDKRARALTDVQRRNVLDYVNVIRDRNTDKRLALKRPYHPHLARSLEQLKPFFVSIMLEEQNPW
EDDQHAIQTLLPALYDKQLIDSLKKYWLDNPRRSSKEKWNDIDQIATSLFKGPKQDSHIIKLRECKEDLVLMTLYPKLDV
EVTKQTIHLLKAPFCIHPATGNVCVPIDESFAPEKAPKLIDLQTEMEKNNDVSLTALQPFINQFQAYVSSLLKNELGSVK
REREDDDEPASLDF
;
_entity_poly.pdbx_strand_id   A,B
#
loop_
_chem_comp.id
_chem_comp.type
_chem_comp.name
_chem_comp.formula
CD non-polymer 'CADMIUM ION' 'Cd 2'
CIT non-polymer 'CITRIC ACID' 'C6 H8 O7'
#
# COMPACT_ATOMS: atom_id res chain seq x y z
N ASN A 13 -27.08 -20.90 23.26
CA ASN A 13 -26.01 -20.69 24.26
C ASN A 13 -24.67 -20.62 23.53
N GLY A 14 -24.03 -19.45 23.56
CA GLY A 14 -22.78 -19.19 22.84
C GLY A 14 -21.51 -19.56 23.60
N PRO A 15 -20.38 -19.76 22.89
CA PRO A 15 -19.18 -20.08 23.66
C PRO A 15 -18.66 -18.88 24.43
N SER A 16 -17.92 -19.14 25.49
CA SER A 16 -17.63 -18.10 26.46
C SER A 16 -16.71 -17.03 25.89
N SER A 17 -16.74 -15.87 26.53
CA SER A 17 -15.86 -14.77 26.16
C SER A 17 -14.39 -15.21 26.19
N SER A 18 -14.07 -16.20 27.02
CA SER A 18 -12.70 -16.58 27.21
C SER A 18 -12.31 -17.53 26.09
N ASP A 19 -13.24 -18.38 25.67
CA ASP A 19 -12.95 -19.27 24.55
C ASP A 19 -12.73 -18.42 23.31
N MET A 20 -13.58 -17.43 23.10
CA MET A 20 -13.45 -16.53 21.94
C MET A 20 -12.13 -15.78 21.99
N GLU A 21 -11.81 -15.19 23.15
CA GLU A 21 -10.54 -14.45 23.31
C GLU A 21 -9.34 -15.32 22.95
N TYR A 22 -9.35 -16.55 23.43
CA TYR A 22 -8.25 -17.45 23.22
C TYR A 22 -8.17 -17.96 21.77
N TYR A 23 -9.32 -18.12 21.12
CA TYR A 23 -9.36 -18.39 19.68
C TYR A 23 -8.66 -17.26 18.92
N TYR A 24 -9.01 -16.02 19.21
CA TYR A 24 -8.34 -14.90 18.52
C TYR A 24 -6.83 -14.87 18.81
N LYS A 25 -6.45 -15.03 20.07
CA LYS A 25 -5.04 -14.97 20.46
C LYS A 25 -4.19 -16.08 19.83
N SER A 26 -4.78 -17.26 19.64
CA SER A 26 -4.02 -18.47 19.28
C SER A 26 -4.18 -19.05 17.88
N LEU A 27 -5.37 -19.01 17.30
CA LEU A 27 -5.66 -19.70 16.05
C LEU A 27 -6.14 -18.85 14.86
N TYR A 28 -6.86 -17.78 15.11
CA TYR A 28 -7.41 -16.97 13.99
C TYR A 28 -6.27 -16.54 13.04
N PRO A 29 -6.36 -16.84 11.72
CA PRO A 29 -5.20 -16.55 10.89
C PRO A 29 -5.14 -15.07 10.43
N PHE A 30 -4.78 -14.17 11.36
CA PHE A 30 -4.78 -12.74 11.08
C PHE A 30 -3.88 -12.32 9.92
N LYS A 31 -2.67 -12.87 9.89
CA LYS A 31 -1.72 -12.62 8.80
C LYS A 31 -2.31 -12.96 7.43
N HIS A 32 -2.83 -14.16 7.27
CA HIS A 32 -3.29 -14.61 5.96
C HIS A 32 -4.53 -13.86 5.51
N ILE A 33 -5.44 -13.52 6.44
CA ILE A 33 -6.63 -12.74 6.13
C ILE A 33 -6.23 -11.31 5.76
N PHE A 34 -5.33 -10.72 6.55
CA PHE A 34 -4.81 -9.39 6.25
C PHE A 34 -4.25 -9.34 4.81
N ASN A 35 -3.34 -10.26 4.51
CA ASN A 35 -2.70 -10.37 3.20
C ASN A 35 -3.68 -10.60 2.03
N TRP A 36 -4.68 -11.44 2.28
CA TRP A 36 -5.77 -11.70 1.39
C TRP A 36 -6.50 -10.43 1.02
N LEU A 37 -6.76 -9.58 2.02
CA LEU A 37 -7.51 -8.39 1.80
C LEU A 37 -6.67 -7.20 1.32
N ASN A 38 -5.42 -7.16 1.76
CA ASN A 38 -4.46 -6.13 1.38
C ASN A 38 -3.87 -6.34 -0.03
N HIS A 39 -3.87 -7.59 -0.49
CA HIS A 39 -3.30 -8.00 -1.79
C HIS A 39 -1.78 -7.83 -1.88
N SER A 40 -1.13 -7.77 -0.72
CA SER A 40 0.30 -7.60 -0.59
C SER A 40 0.66 -7.79 0.89
N PRO A 41 1.93 -8.16 1.20
CA PRO A 41 2.40 -8.23 2.58
C PRO A 41 2.61 -6.86 3.20
N LYS A 42 2.84 -5.87 2.34
CA LYS A 42 3.13 -4.52 2.78
C LYS A 42 1.85 -3.71 2.90
N PRO A 43 1.54 -3.24 4.12
CA PRO A 43 0.27 -2.56 4.22
C PRO A 43 0.01 -1.42 3.22
N SER A 44 -1.15 -1.52 2.58
CA SER A 44 -1.61 -0.56 1.58
C SER A 44 -3.01 -0.07 1.91
N ARG A 45 -3.50 0.83 1.06
CA ARG A 45 -4.86 1.29 1.12
C ARG A 45 -5.89 0.13 1.20
N ASP A 46 -5.62 -0.96 0.52
CA ASP A 46 -6.54 -2.09 0.50
C ASP A 46 -6.90 -2.66 1.87
N MET A 47 -6.01 -2.51 2.88
CA MET A 47 -6.40 -2.75 4.29
C MET A 47 -6.56 -1.50 5.13
N ILE A 48 -5.65 -0.55 4.97
CA ILE A 48 -5.73 0.66 5.80
C ILE A 48 -7.03 1.40 5.60
N ASN A 49 -7.59 1.41 4.39
CA ASN A 49 -8.87 2.09 4.13
C ASN A 49 -10.09 1.14 4.10
N ARG A 50 -9.94 -0.06 4.64
CA ARG A 50 -11.03 -1.01 4.55
C ARG A 50 -11.89 -1.05 5.81
N GLU A 51 -13.20 -1.03 5.63
CA GLU A 51 -14.09 -1.08 6.76
C GLU A 51 -14.17 -2.52 7.27
N PHE A 52 -14.15 -2.64 8.59
CA PHE A 52 -14.60 -3.84 9.25
C PHE A 52 -15.69 -3.41 10.22
N ALA A 53 -16.67 -4.29 10.37
CA ALA A 53 -17.71 -4.16 11.37
C ALA A 53 -17.55 -5.30 12.38
N MET A 54 -17.91 -5.02 13.63
CA MET A 54 -17.81 -6.01 14.71
C MET A 54 -19.17 -6.13 15.41
N ALA A 55 -19.57 -7.37 15.68
CA ALA A 55 -20.83 -7.68 16.35
C ALA A 55 -20.53 -8.34 17.70
N PHE A 56 -21.22 -7.88 18.75
CA PHE A 56 -20.94 -8.32 20.11
C PHE A 56 -22.07 -9.11 20.76
N ARG A 57 -21.69 -9.98 21.70
CA ARG A 57 -22.60 -10.79 22.50
C ARG A 57 -23.33 -9.87 23.48
N SER A 58 -24.48 -9.37 23.04
CA SER A 58 -25.19 -8.25 23.68
C SER A 58 -26.01 -7.55 22.60
N GLY A 59 -25.62 -7.72 21.34
CA GLY A 59 -26.38 -7.19 20.22
C GLY A 59 -25.80 -5.90 19.69
N ALA A 60 -24.82 -5.34 20.41
CA ALA A 60 -24.14 -4.13 19.94
C ALA A 60 -23.43 -4.43 18.62
N TYR A 61 -23.27 -3.37 17.82
CA TYR A 61 -22.79 -3.46 16.46
C TYR A 61 -22.03 -2.19 16.10
N LYS A 62 -20.77 -2.33 15.74
CA LYS A 62 -19.85 -1.21 15.59
C LYS A 62 -19.27 -1.21 14.18
N ARG A 63 -19.68 -0.25 13.35
CA ARG A 63 -19.15 -0.07 11.99
C ARG A 63 -17.91 0.83 11.95
N TYR A 64 -17.28 0.88 10.79
CA TYR A 64 -16.27 1.89 10.53
C TYR A 64 -15.01 1.73 11.38
N ASN A 65 -14.68 0.47 11.67
CA ASN A 65 -13.39 0.15 12.24
C ASN A 65 -12.46 -0.03 11.08
N SER A 66 -11.16 0.19 11.29
CA SER A 66 -10.18 -0.14 10.25
C SER A 66 -8.82 -0.40 10.89
N PHE A 67 -8.02 -1.26 10.24
CA PHE A 67 -6.77 -1.76 10.81
C PHE A 67 -5.61 -1.51 9.86
N ASN A 68 -4.45 -1.13 10.42
CA ASN A 68 -3.27 -0.69 9.66
C ASN A 68 -2.26 -1.77 9.29
N SER A 69 -2.31 -2.90 9.99
CA SER A 69 -1.27 -3.92 9.90
C SER A 69 -1.77 -5.19 10.50
N VAL A 70 -1.08 -6.29 10.28
CA VAL A 70 -1.47 -7.57 10.93
C VAL A 70 -1.56 -7.38 12.46
N GLN A 71 -0.62 -6.66 13.04
CA GLN A 71 -0.56 -6.57 14.49
C GLN A 71 -1.64 -5.67 15.03
N ASP A 72 -1.98 -4.62 14.29
CA ASP A 72 -3.08 -3.75 14.63
C ASP A 72 -4.45 -4.49 14.53
N PHE A 73 -4.61 -5.25 13.48
CA PHE A 73 -5.77 -6.09 13.22
C PHE A 73 -5.94 -7.02 14.40
N LYS A 74 -4.91 -7.81 14.68
CA LYS A 74 -4.99 -8.77 15.75
C LYS A 74 -5.33 -8.09 17.06
N ALA A 75 -4.61 -7.01 17.37
CA ALA A 75 -4.77 -6.31 18.64
C ALA A 75 -6.19 -5.84 18.85
N GLN A 76 -6.74 -5.09 17.88
CA GLN A 76 -8.07 -4.52 18.06
C GLN A 76 -9.11 -5.63 18.19
N ILE A 77 -8.99 -6.70 17.41
CA ILE A 77 -9.96 -7.81 17.50
C ILE A 77 -9.86 -8.53 18.87
N GLU A 78 -8.65 -8.78 19.34
CA GLU A 78 -8.41 -9.38 20.63
C GLU A 78 -9.04 -8.51 21.71
N LYS A 79 -8.76 -7.23 21.63
CA LYS A 79 -9.23 -6.26 22.64
C LYS A 79 -10.75 -6.20 22.68
N ALA A 80 -11.38 -6.15 21.51
CA ALA A 80 -12.84 -6.05 21.40
C ALA A 80 -13.51 -7.39 21.65
N ASN A 81 -12.85 -8.47 21.24
CA ASN A 81 -13.36 -9.82 21.42
C ASN A 81 -14.81 -9.96 20.93
N PRO A 82 -15.07 -9.57 19.68
CA PRO A 82 -16.42 -9.69 19.19
C PRO A 82 -16.81 -11.13 18.90
N ASP A 83 -18.12 -11.38 18.81
CA ASP A 83 -18.63 -12.68 18.38
C ASP A 83 -18.29 -12.98 16.94
N ARG A 84 -18.28 -11.92 16.13
CA ARG A 84 -17.94 -12.06 14.70
C ARG A 84 -17.49 -10.71 14.19
N PHE A 85 -16.79 -10.71 13.07
CA PHE A 85 -16.55 -9.44 12.40
C PHE A 85 -16.74 -9.57 10.90
N GLU A 86 -17.04 -8.44 10.28
CA GLU A 86 -17.51 -8.39 8.92
C GLU A 86 -16.61 -7.48 8.14
N ILE A 87 -16.28 -7.91 6.93
CA ILE A 87 -15.48 -7.14 6.05
C ILE A 87 -16.30 -6.30 5.04
N GLY A 88 -15.81 -5.10 4.77
CA GLY A 88 -16.48 -4.16 3.90
C GLY A 88 -15.59 -3.69 2.78
N ALA A 89 -15.95 -2.52 2.26
CA ALA A 89 -15.27 -1.91 1.14
C ALA A 89 -13.95 -1.25 1.56
N ILE A 90 -13.13 -1.03 0.54
CA ILE A 90 -11.94 -0.22 0.53
C ILE A 90 -12.35 1.19 0.11
N TYR A 91 -12.06 2.15 1.01
CA TYR A 91 -12.51 3.54 0.90
C TYR A 91 -11.35 4.45 0.54
N ASN A 92 -11.66 5.74 0.34
CA ASN A 92 -10.66 6.75 -0.04
C ASN A 92 -9.87 7.29 1.14
N LYS A 93 -10.46 7.26 2.34
CA LYS A 93 -9.75 7.53 3.60
C LYS A 93 -10.01 6.39 4.60
N PRO A 94 -9.27 6.37 5.73
CA PRO A 94 -9.51 5.30 6.70
C PRO A 94 -10.90 5.40 7.35
N PRO A 95 -11.66 4.30 7.34
CA PRO A 95 -12.97 4.35 7.98
C PRO A 95 -12.98 4.77 9.43
N ARG A 96 -11.96 4.41 10.22
CA ARG A 96 -11.90 4.83 11.61
C ARG A 96 -11.76 6.34 11.77
N GLU A 97 -11.31 7.04 10.73
CA GLU A 97 -11.27 8.51 10.76
C GLU A 97 -12.59 9.16 10.40
N ARG A 98 -13.61 8.38 10.10
CA ARG A 98 -14.95 8.94 9.99
C ARG A 98 -15.20 9.54 11.40
N ASP A 99 -16.29 10.25 11.63
CA ASP A 99 -16.43 11.11 12.80
C ASP A 99 -15.65 12.42 12.65
N THR A 100 -14.37 12.40 12.26
CA THR A 100 -13.64 13.68 12.07
C THR A 100 -12.74 13.83 10.82
N LEU A 101 -13.29 13.82 9.59
CA LEU A 101 -14.64 13.37 9.23
C LEU A 101 -15.05 13.55 7.77
N LEU A 102 -15.42 14.79 7.42
CA LEU A 102 -16.16 15.10 6.18
C LEU A 102 -15.24 15.83 5.23
N LYS A 103 -14.47 15.08 4.46
CA LYS A 103 -13.82 15.57 3.25
C LYS A 103 -14.87 16.21 2.31
N SER A 104 -15.43 15.39 1.42
CA SER A 104 -16.79 15.57 0.93
C SER A 104 -17.34 14.62 1.94
N GLU A 105 -17.05 13.35 1.74
CA GLU A 105 -16.85 12.52 2.90
C GLU A 105 -16.13 11.23 2.59
N LEU A 106 -16.75 10.10 2.92
CA LEU A 106 -16.10 8.85 2.90
C LEU A 106 -16.63 8.14 1.67
N LYS A 107 -15.73 7.79 0.75
CA LYS A 107 -16.13 7.22 -0.54
C LYS A 107 -15.56 5.83 -0.79
N ALA A 108 -16.45 4.91 -1.15
CA ALA A 108 -16.05 3.56 -1.52
C ALA A 108 -15.39 3.49 -2.91
N LEU A 109 -14.27 2.79 -2.98
CA LEU A 109 -13.48 2.69 -4.20
C LEU A 109 -13.55 1.31 -4.80
N GLU A 110 -13.50 0.29 -3.96
CA GLU A 110 -13.48 -1.07 -4.49
C GLU A 110 -13.72 -2.10 -3.39
N LYS A 111 -14.09 -3.29 -3.81
CA LYS A 111 -14.31 -4.39 -2.90
C LYS A 111 -14.49 -5.69 -3.64
N GLU A 112 -14.09 -6.77 -2.99
CA GLU A 112 -14.33 -8.08 -3.53
C GLU A 112 -15.80 -8.25 -3.94
N LEU A 113 -15.99 -8.85 -5.09
CA LEU A 113 -17.28 -9.30 -5.58
C LEU A 113 -17.67 -10.56 -4.78
N VAL A 114 -18.78 -10.48 -4.05
CA VAL A 114 -19.29 -11.57 -3.20
C VAL A 114 -20.68 -12.09 -3.57
N PHE A 115 -20.90 -13.34 -3.22
CA PHE A 115 -22.14 -14.06 -3.48
C PHE A 115 -22.42 -14.82 -2.20
N ASP A 116 -23.71 -14.89 -1.87
CA ASP A 116 -24.15 -15.41 -0.62
C ASP A 116 -25.34 -16.32 -0.87
N ILE A 117 -25.23 -17.57 -0.44
CA ILE A 117 -26.30 -18.53 -0.54
C ILE A 117 -26.69 -18.96 0.86
N ASP A 118 -27.96 -18.70 1.20
CA ASP A 118 -28.57 -19.06 2.45
C ASP A 118 -29.57 -20.19 2.24
N MET A 119 -29.38 -21.28 2.97
CA MET A 119 -30.20 -22.47 2.72
C MET A 119 -31.68 -22.33 3.05
N ASP A 120 -32.04 -21.46 3.97
CA ASP A 120 -33.43 -21.28 4.27
C ASP A 120 -34.22 -20.78 3.05
N ASP A 121 -33.55 -20.11 2.10
CA ASP A 121 -34.20 -19.73 0.83
C ASP A 121 -34.69 -20.93 -0.01
N TYR A 122 -34.22 -22.13 0.31
CA TYR A 122 -34.64 -23.33 -0.38
C TYR A 122 -35.71 -24.08 0.40
N ASP A 123 -36.28 -23.47 1.44
CA ASP A 123 -37.16 -24.19 2.35
C ASP A 123 -38.45 -24.72 1.72
N ALA A 124 -38.91 -24.06 0.66
CA ALA A 124 -40.03 -24.59 -0.11
C ALA A 124 -39.73 -25.95 -0.72
N PHE A 125 -38.46 -26.25 -0.97
CA PHE A 125 -38.08 -27.41 -1.77
C PHE A 125 -37.25 -28.46 -1.03
N ARG A 126 -36.98 -28.24 0.25
CA ARG A 126 -36.31 -29.25 1.05
C ARG A 126 -37.21 -29.63 2.20
N THR A 127 -37.05 -30.85 2.68
CA THR A 127 -37.85 -31.33 3.80
C THR A 127 -36.99 -31.82 4.96
N CYS A 128 -35.73 -32.16 4.71
CA CYS A 128 -34.89 -32.75 5.76
C CYS A 128 -34.51 -31.76 6.85
N CYS A 129 -34.41 -30.48 6.49
CA CYS A 129 -34.28 -29.39 7.48
C CYS A 129 -35.03 -28.16 7.01
N SER A 130 -35.29 -27.26 7.94
CA SER A 130 -35.87 -25.97 7.61
C SER A 130 -35.11 -24.90 8.37
N GLY A 131 -35.28 -23.65 7.95
CA GLY A 131 -34.71 -22.51 8.65
C GLY A 131 -33.21 -22.55 8.67
N ALA A 132 -32.61 -22.24 9.81
CA ALA A 132 -31.15 -22.11 9.90
C ALA A 132 -30.45 -23.45 10.18
N GLN A 133 -31.14 -24.56 9.94
CA GLN A 133 -30.55 -25.88 10.13
C GLN A 133 -30.16 -26.43 8.76
N VAL A 134 -29.07 -27.18 8.72
CA VAL A 134 -28.60 -27.86 7.49
C VAL A 134 -28.02 -29.22 7.79
N CYS A 135 -27.84 -30.00 6.74
CA CYS A 135 -27.13 -31.27 6.86
C CYS A 135 -26.53 -31.66 5.51
N SER A 136 -25.79 -32.76 5.48
CA SER A 136 -25.21 -33.23 4.20
C SER A 136 -26.22 -33.44 3.05
N LYS A 137 -27.40 -33.95 3.36
CA LYS A 137 -28.45 -34.14 2.36
C LYS A 137 -28.83 -32.82 1.67
N CYS A 138 -29.25 -31.81 2.41
CA CYS A 138 -29.68 -30.57 1.77
C CYS A 138 -28.51 -29.67 1.37
N TRP A 139 -27.33 -29.92 1.92
CA TRP A 139 -26.14 -29.22 1.47
C TRP A 139 -25.86 -29.39 -0.02
N LYS A 140 -26.34 -30.50 -0.62
CA LYS A 140 -26.24 -30.70 -2.06
C LYS A 140 -26.74 -29.48 -2.88
N PHE A 141 -27.67 -28.71 -2.31
CA PHE A 141 -28.20 -27.50 -2.98
C PHE A 141 -27.11 -26.44 -3.04
N ILE A 142 -26.29 -26.38 -2.00
CA ILE A 142 -25.14 -25.48 -1.99
C ILE A 142 -24.07 -25.91 -2.97
N SER A 143 -23.74 -27.20 -2.98
CA SER A 143 -22.78 -27.74 -3.93
C SER A 143 -23.16 -27.45 -5.40
N LEU A 144 -24.43 -27.60 -5.72
CA LEU A 144 -24.92 -27.23 -7.05
C LEU A 144 -24.85 -25.72 -7.26
N ALA A 145 -25.27 -24.93 -6.27
CA ALA A 145 -25.05 -23.51 -6.34
C ALA A 145 -23.60 -23.12 -6.69
N MET A 146 -22.62 -23.84 -6.11
CA MET A 146 -21.20 -23.60 -6.39
C MET A 146 -20.80 -23.96 -7.81
N LYS A 147 -21.24 -25.13 -8.27
CA LYS A 147 -20.97 -25.63 -9.61
C LYS A 147 -21.42 -24.61 -10.67
N ILE A 148 -22.66 -24.14 -10.52
CA ILE A 148 -23.26 -23.20 -11.47
C ILE A 148 -22.55 -21.85 -11.42
N THR A 149 -22.41 -21.32 -10.21
CA THR A 149 -21.80 -20.00 -10.04
C THR A 149 -20.35 -20.02 -10.52
N ASN A 150 -19.62 -21.08 -10.16
CA ASN A 150 -18.21 -21.23 -10.55
C ASN A 150 -18.09 -21.28 -12.06
N THR A 151 -19.02 -22.00 -12.70
CA THR A 151 -19.02 -22.09 -14.17
C THR A 151 -19.18 -20.69 -14.81
N ALA A 152 -20.10 -19.86 -14.32
CA ALA A 152 -20.25 -18.52 -14.87
C ALA A 152 -19.05 -17.63 -14.57
N LEU A 153 -18.48 -17.80 -13.38
CA LEU A 153 -17.36 -16.97 -12.96
C LEU A 153 -16.18 -17.25 -13.87
N ARG A 154 -15.86 -18.53 -14.03
CA ARG A 154 -14.70 -18.93 -14.85
C ARG A 154 -14.92 -18.76 -16.35
N GLU A 155 -16.06 -19.24 -16.85
CA GLU A 155 -16.28 -19.34 -18.29
C GLU A 155 -16.74 -18.04 -18.92
N ASP A 156 -17.58 -17.29 -18.23
CA ASP A 156 -18.21 -16.13 -18.84
C ASP A 156 -17.52 -14.84 -18.42
N PHE A 157 -17.13 -14.77 -17.16
CA PHE A 157 -16.44 -13.58 -16.67
C PHE A 157 -14.94 -13.78 -16.71
N GLY A 158 -14.47 -15.02 -16.66
CA GLY A 158 -13.04 -15.28 -16.67
C GLY A 158 -12.37 -14.76 -15.41
N TYR A 159 -13.10 -14.75 -14.29
CA TYR A 159 -12.49 -14.55 -12.99
C TYR A 159 -11.81 -15.84 -12.58
N LYS A 160 -10.66 -15.75 -11.92
CA LYS A 160 -9.92 -16.98 -11.56
C LYS A 160 -9.54 -17.07 -10.09
N ASP A 161 -9.47 -15.94 -9.39
CA ASP A 161 -9.14 -15.92 -7.97
C ASP A 161 -10.39 -15.74 -7.11
N PHE A 162 -11.10 -16.85 -6.86
CA PHE A 162 -12.23 -16.86 -5.94
C PHE A 162 -12.23 -18.06 -4.99
N ILE A 163 -12.87 -17.90 -3.84
CA ILE A 163 -12.92 -18.94 -2.81
C ILE A 163 -14.32 -18.99 -2.17
N TRP A 164 -14.81 -20.18 -1.89
CA TRP A 164 -16.04 -20.33 -1.13
C TRP A 164 -15.69 -20.56 0.33
N VAL A 165 -16.51 -20.00 1.21
CA VAL A 165 -16.34 -20.11 2.65
C VAL A 165 -17.70 -20.42 3.36
N PHE A 166 -17.64 -21.38 4.26
CA PHE A 166 -18.80 -21.78 5.04
C PHE A 166 -19.22 -20.59 5.90
N SER A 167 -20.51 -20.31 5.95
CA SER A 167 -21.01 -19.21 6.78
C SER A 167 -21.09 -19.51 8.25
N GLY A 168 -20.82 -20.76 8.67
CA GLY A 168 -20.89 -21.16 10.08
C GLY A 168 -22.23 -21.80 10.41
N ARG A 169 -23.28 -21.48 9.63
CA ARG A 169 -24.60 -22.01 9.94
C ARG A 169 -25.46 -22.35 8.67
N ARG A 170 -25.83 -21.33 7.89
CA ARG A 170 -26.91 -21.48 6.91
C ARG A 170 -26.46 -21.73 5.49
N GLY A 171 -25.19 -21.53 5.18
CA GLY A 171 -24.78 -21.69 3.78
C GLY A 171 -23.34 -21.31 3.51
N ALA A 172 -23.09 -20.74 2.32
CA ALA A 172 -21.79 -20.40 1.88
C ALA A 172 -21.68 -19.09 1.14
N HIS A 173 -20.50 -18.51 1.29
CA HIS A 173 -20.13 -17.20 0.75
C HIS A 173 -18.98 -17.33 -0.23
N CYS A 174 -19.09 -16.67 -1.38
CA CYS A 174 -18.06 -16.74 -2.43
C CYS A 174 -17.38 -15.39 -2.47
N TRP A 175 -16.06 -15.38 -2.39
CA TRP A 175 -15.31 -14.13 -2.40
C TRP A 175 -14.45 -14.13 -3.65
N VAL A 176 -14.76 -13.09 -4.59
CA VAL A 176 -14.03 -12.90 -5.86
C VAL A 176 -12.97 -11.78 -5.71
N SER A 177 -11.62 -12.09 -5.76
CA SER A 177 -10.60 -11.09 -5.50
C SER A 177 -9.94 -10.52 -6.77
N ASP A 178 -10.24 -11.10 -7.94
CA ASP A 178 -9.71 -10.58 -9.21
C ASP A 178 -9.84 -9.06 -9.26
N LYS A 179 -8.73 -8.38 -9.56
CA LYS A 179 -8.72 -6.92 -9.69
C LYS A 179 -9.96 -6.32 -10.35
N ARG A 180 -10.31 -6.81 -11.53
CA ARG A 180 -11.43 -6.24 -12.26
C ARG A 180 -12.78 -6.53 -11.59
N ALA A 181 -12.85 -7.60 -10.80
CA ALA A 181 -14.04 -7.87 -9.98
C ALA A 181 -14.12 -6.87 -8.85
N ARG A 182 -12.99 -6.57 -8.22
CA ARG A 182 -13.00 -5.61 -7.09
C ARG A 182 -13.39 -4.23 -7.57
N ALA A 183 -13.01 -3.90 -8.80
CA ALA A 183 -13.24 -2.58 -9.35
C ALA A 183 -14.70 -2.26 -9.67
N LEU A 184 -15.60 -3.26 -9.63
CA LEU A 184 -16.97 -3.07 -10.10
C LEU A 184 -17.73 -1.99 -9.32
N THR A 185 -18.46 -1.17 -10.07
CA THR A 185 -19.35 -0.19 -9.47
C THR A 185 -20.62 -0.91 -9.02
N ASP A 186 -21.48 -0.20 -8.28
CA ASP A 186 -22.79 -0.72 -7.86
C ASP A 186 -23.67 -1.19 -9.02
N VAL A 187 -23.71 -0.42 -10.12
CA VAL A 187 -24.44 -0.81 -11.34
CA VAL A 187 -24.43 -0.80 -11.34
C VAL A 187 -23.89 -2.08 -12.01
N GLN A 188 -22.57 -2.17 -12.10
CA GLN A 188 -21.95 -3.32 -12.69
C GLN A 188 -22.17 -4.59 -11.85
N ARG A 189 -22.19 -4.46 -10.52
CA ARG A 189 -22.50 -5.57 -9.62
C ARG A 189 -23.95 -5.98 -9.76
N ARG A 190 -24.81 -5.04 -10.10
CA ARG A 190 -26.21 -5.35 -10.34
C ARG A 190 -26.34 -6.07 -11.66
N ASN A 191 -25.52 -5.70 -12.64
CA ASN A 191 -25.53 -6.40 -13.91
C ASN A 191 -24.94 -7.82 -13.83
N VAL A 192 -23.94 -8.02 -12.98
CA VAL A 192 -23.39 -9.37 -12.71
C VAL A 192 -24.46 -10.24 -12.02
N LEU A 193 -25.06 -9.68 -11.00
CA LEU A 193 -26.10 -10.34 -10.32
C LEU A 193 -27.23 -10.73 -11.27
N ASP A 194 -27.58 -9.83 -12.16
CA ASP A 194 -28.73 -10.06 -13.02
C ASP A 194 -28.43 -11.24 -13.92
N TYR A 195 -27.21 -11.26 -14.44
CA TYR A 195 -26.78 -12.34 -15.29
C TYR A 195 -26.85 -13.68 -14.57
N VAL A 196 -26.38 -13.77 -13.33
CA VAL A 196 -26.38 -15.06 -12.59
C VAL A 196 -27.69 -15.34 -11.86
N ASN A 197 -28.51 -14.33 -11.62
CA ASN A 197 -29.74 -14.50 -10.84
C ASN A 197 -30.90 -14.80 -11.78
N VAL A 198 -30.85 -15.97 -12.39
CA VAL A 198 -31.80 -16.26 -13.46
C VAL A 198 -33.22 -16.25 -12.86
N ILE A 199 -33.37 -16.65 -11.63
CA ILE A 199 -34.74 -16.75 -11.13
C ILE A 199 -35.35 -15.67 -10.20
N ARG A 200 -36.33 -15.02 -10.82
CA ARG A 200 -37.00 -13.74 -10.46
C ARG A 200 -37.71 -13.47 -9.14
N ASP A 201 -38.82 -14.14 -8.97
CA ASP A 201 -39.74 -13.76 -7.93
C ASP A 201 -39.92 -14.86 -6.93
N ARG A 202 -38.88 -15.70 -6.88
CA ARG A 202 -38.68 -16.80 -5.97
C ARG A 202 -40.01 -17.30 -5.47
N ASN A 203 -40.73 -17.95 -6.38
CA ASN A 203 -42.15 -18.22 -6.24
C ASN A 203 -42.47 -19.38 -5.27
N THR A 204 -43.74 -19.65 -5.04
CA THR A 204 -44.88 -19.09 -5.75
C THR A 204 -45.46 -17.76 -5.15
N ASP A 205 -46.60 -17.26 -5.64
CA ASP A 205 -47.52 -18.03 -6.48
C ASP A 205 -47.11 -18.50 -7.92
N LYS A 206 -46.39 -17.76 -8.79
CA LYS A 206 -46.53 -18.01 -10.24
C LYS A 206 -45.40 -18.71 -11.01
N ARG A 207 -45.57 -18.76 -12.33
CA ARG A 207 -44.63 -19.41 -13.20
C ARG A 207 -43.48 -18.47 -13.52
N LEU A 208 -42.26 -19.00 -13.54
CA LEU A 208 -41.10 -18.20 -13.93
C LEU A 208 -41.23 -17.70 -15.36
N ALA A 209 -41.76 -18.53 -16.25
CA ALA A 209 -41.98 -18.14 -17.63
C ALA A 209 -40.70 -17.52 -18.15
N LEU A 210 -39.58 -18.15 -17.84
CA LEU A 210 -38.30 -17.60 -18.23
C LEU A 210 -38.33 -17.38 -19.73
N LYS A 211 -37.51 -16.44 -20.22
CA LYS A 211 -37.53 -16.11 -21.65
C LYS A 211 -37.05 -17.27 -22.55
N ARG A 212 -37.41 -17.37 -23.73
CA ARG A 212 -37.07 -18.39 -24.72
C ARG A 212 -36.96 -17.76 -26.16
N PRO A 213 -36.12 -18.36 -26.75
CA PRO A 213 -35.29 -19.46 -26.24
C PRO A 213 -34.38 -19.07 -25.09
N TYR A 214 -34.17 -20.01 -24.18
CA TYR A 214 -33.18 -19.86 -23.14
C TYR A 214 -31.88 -19.16 -23.61
N HIS A 215 -31.41 -18.21 -22.81
CA HIS A 215 -30.09 -17.65 -22.99
C HIS A 215 -29.03 -18.72 -22.76
N PRO A 216 -27.87 -18.58 -23.39
CA PRO A 216 -26.94 -19.70 -23.31
C PRO A 216 -26.56 -20.16 -21.90
N HIS A 217 -26.43 -19.23 -20.96
CA HIS A 217 -26.17 -19.55 -19.54
C HIS A 217 -27.26 -20.41 -18.89
N LEU A 218 -28.51 -20.09 -19.18
CA LEU A 218 -29.64 -20.89 -18.70
C LEU A 218 -29.59 -22.28 -19.30
N ALA A 219 -29.35 -22.36 -20.60
CA ALA A 219 -29.29 -23.63 -21.30
C ALA A 219 -28.23 -24.53 -20.67
N ARG A 220 -27.04 -23.96 -20.44
CA ARG A 220 -25.95 -24.67 -19.81
C ARG A 220 -26.33 -25.14 -18.42
N SER A 221 -26.89 -24.22 -17.63
CA SER A 221 -27.16 -24.49 -16.25
C SER A 221 -28.21 -25.59 -16.14
N LEU A 222 -29.22 -25.51 -16.99
CA LEU A 222 -30.24 -26.54 -17.06
C LEU A 222 -29.62 -27.90 -17.25
N GLU A 223 -28.71 -27.97 -18.23
CA GLU A 223 -28.08 -29.23 -18.58
C GLU A 223 -27.20 -29.73 -17.43
N GLN A 224 -26.58 -28.81 -16.69
CA GLN A 224 -25.80 -29.16 -15.51
C GLN A 224 -26.66 -29.70 -14.35
N LEU A 225 -27.81 -29.11 -14.13
CA LEU A 225 -28.67 -29.47 -12.99
C LEU A 225 -29.61 -30.63 -13.27
N LYS A 226 -30.07 -30.79 -14.50
CA LYS A 226 -31.12 -31.78 -14.78
C LYS A 226 -30.75 -33.15 -14.30
N PRO A 227 -29.48 -33.57 -14.48
CA PRO A 227 -29.16 -34.92 -14.00
C PRO A 227 -29.34 -35.16 -12.51
N PHE A 228 -29.51 -34.08 -11.71
CA PHE A 228 -29.67 -34.18 -10.25
C PHE A 228 -31.12 -34.11 -9.77
N PHE A 229 -32.03 -33.72 -10.66
CA PHE A 229 -33.39 -33.38 -10.29
C PHE A 229 -34.18 -34.55 -9.70
N VAL A 230 -34.11 -35.72 -10.32
CA VAL A 230 -34.93 -36.83 -9.81
C VAL A 230 -34.44 -37.25 -8.43
N SER A 231 -33.13 -37.43 -8.29
CA SER A 231 -32.53 -37.88 -7.02
CA SER A 231 -32.55 -37.88 -7.01
C SER A 231 -32.73 -36.88 -5.87
N ILE A 232 -32.46 -35.60 -6.12
CA ILE A 232 -32.52 -34.60 -5.06
C ILE A 232 -33.95 -34.21 -4.79
N MET A 233 -34.65 -33.76 -5.83
CA MET A 233 -35.99 -33.20 -5.64
C MET A 233 -37.09 -34.26 -5.51
N LEU A 234 -37.13 -35.23 -6.42
CA LEU A 234 -38.23 -36.16 -6.43
C LEU A 234 -38.08 -37.22 -5.35
N GLU A 235 -36.86 -37.68 -5.11
CA GLU A 235 -36.60 -38.79 -4.19
C GLU A 235 -36.19 -38.33 -2.81
N GLU A 236 -35.04 -37.68 -2.69
CA GLU A 236 -34.48 -37.29 -1.39
C GLU A 236 -35.35 -36.29 -0.62
N GLN A 237 -35.65 -35.17 -1.26
CA GLN A 237 -36.43 -34.15 -0.60
C GLN A 237 -37.93 -34.44 -0.70
N ASN A 238 -38.41 -34.88 -1.85
CA ASN A 238 -39.85 -35.22 -1.96
C ASN A 238 -40.80 -34.14 -1.32
N PRO A 239 -40.63 -32.85 -1.68
CA PRO A 239 -41.45 -31.80 -1.03
C PRO A 239 -42.91 -31.81 -1.48
N TRP A 240 -43.23 -32.54 -2.53
CA TRP A 240 -44.57 -32.43 -3.12
C TRP A 240 -45.49 -33.60 -2.81
N GLU A 241 -45.03 -34.54 -1.99
CA GLU A 241 -45.92 -35.61 -1.52
C GLU A 241 -47.03 -35.00 -0.67
N ASP A 242 -46.66 -34.02 0.16
CA ASP A 242 -47.61 -33.18 0.87
C ASP A 242 -48.42 -32.40 -0.17
N ASP A 243 -49.73 -32.70 -0.24
CA ASP A 243 -50.58 -32.21 -1.33
C ASP A 243 -50.72 -30.70 -1.35
N GLN A 244 -50.95 -30.11 -0.17
CA GLN A 244 -51.06 -28.66 -0.07
C GLN A 244 -49.80 -27.99 -0.62
N HIS A 245 -48.64 -28.58 -0.37
CA HIS A 245 -47.40 -28.03 -0.89
C HIS A 245 -47.24 -28.22 -2.39
N ALA A 246 -47.77 -29.32 -2.93
CA ALA A 246 -47.79 -29.53 -4.37
C ALA A 246 -48.70 -28.50 -5.03
N ILE A 247 -49.85 -28.24 -4.41
CA ILE A 247 -50.80 -27.31 -4.97
C ILE A 247 -50.21 -25.89 -4.89
N GLN A 248 -49.45 -25.62 -3.81
CA GLN A 248 -48.88 -24.29 -3.59
C GLN A 248 -47.62 -23.98 -4.40
N THR A 249 -46.79 -24.98 -4.69
CA THR A 249 -45.47 -24.74 -5.28
C THR A 249 -45.14 -25.56 -6.53
N LEU A 250 -45.97 -26.56 -6.85
CA LEU A 250 -45.78 -27.35 -8.07
C LEU A 250 -46.72 -26.85 -9.17
N LEU A 251 -48.03 -26.85 -8.90
CA LEU A 251 -49.03 -26.47 -9.91
C LEU A 251 -48.94 -25.04 -10.46
N PRO A 252 -48.58 -24.05 -9.63
CA PRO A 252 -48.49 -22.69 -10.15
C PRO A 252 -47.39 -22.51 -11.20
N ALA A 253 -46.47 -23.46 -11.26
CA ALA A 253 -45.41 -23.48 -12.27
C ALA A 253 -45.91 -23.95 -13.65
N LEU A 254 -47.16 -24.38 -13.74
CA LEU A 254 -47.73 -24.87 -15.01
C LEU A 254 -48.53 -23.75 -15.69
N TYR A 255 -48.77 -23.94 -16.98
CA TYR A 255 -49.20 -22.86 -17.88
C TYR A 255 -50.70 -22.81 -18.14
N ASP A 256 -51.44 -23.83 -17.71
CA ASP A 256 -52.83 -24.03 -18.14
C ASP A 256 -53.76 -24.24 -16.94
N LYS A 257 -54.79 -23.39 -16.84
CA LYS A 257 -55.73 -23.49 -15.72
C LYS A 257 -56.42 -24.86 -15.64
N GLN A 258 -56.85 -25.38 -16.78
CA GLN A 258 -57.58 -26.66 -16.83
C GLN A 258 -56.72 -27.82 -16.31
N LEU A 259 -55.45 -27.84 -16.71
CA LEU A 259 -54.48 -28.85 -16.29
C LEU A 259 -54.26 -28.81 -14.78
N ILE A 260 -53.96 -27.60 -14.31
CA ILE A 260 -53.89 -27.30 -12.89
C ILE A 260 -55.13 -27.81 -12.17
N ASP A 261 -56.30 -27.38 -12.61
CA ASP A 261 -57.54 -27.80 -11.96
C ASP A 261 -57.72 -29.33 -11.95
N SER A 262 -57.37 -30.00 -13.05
CA SER A 262 -57.51 -31.44 -13.13
C SER A 262 -56.58 -32.18 -12.17
N LEU A 263 -55.30 -31.78 -12.17
CA LEU A 263 -54.31 -32.33 -11.27
C LEU A 263 -54.75 -32.10 -9.83
N LYS A 264 -55.15 -30.86 -9.55
CA LYS A 264 -55.60 -30.55 -8.21
C LYS A 264 -56.67 -31.51 -7.76
N LYS A 265 -57.68 -31.71 -8.59
CA LYS A 265 -58.76 -32.60 -8.23
C LYS A 265 -58.25 -34.03 -8.03
N TYR A 266 -57.37 -34.48 -8.93
CA TYR A 266 -56.89 -35.83 -8.88
C TYR A 266 -56.14 -36.11 -7.56
N TRP A 267 -55.29 -35.17 -7.16
CA TRP A 267 -54.53 -35.32 -5.93
C TRP A 267 -55.40 -35.12 -4.68
N LEU A 268 -56.43 -34.29 -4.78
CA LEU A 268 -57.42 -34.17 -3.71
C LEU A 268 -58.15 -35.51 -3.54
N ASP A 269 -58.48 -36.14 -4.67
CA ASP A 269 -59.18 -37.44 -4.69
C ASP A 269 -58.28 -38.62 -4.29
N ASN A 270 -56.99 -38.50 -4.65
CA ASN A 270 -56.01 -39.55 -4.38
C ASN A 270 -54.83 -38.91 -3.66
N PRO A 271 -54.93 -38.75 -2.33
CA PRO A 271 -53.95 -37.92 -1.63
C PRO A 271 -52.59 -38.58 -1.41
N ARG A 272 -51.56 -37.75 -1.21
CA ARG A 272 -50.25 -38.17 -0.72
C ARG A 272 -49.48 -39.01 -1.71
N ARG A 273 -49.78 -38.84 -3.00
CA ARG A 273 -49.00 -39.47 -4.05
C ARG A 273 -47.60 -38.82 -4.02
N SER A 274 -46.56 -39.64 -4.14
CA SER A 274 -45.18 -39.17 -4.00
C SER A 274 -44.83 -38.06 -5.01
N SER A 275 -43.74 -37.36 -4.78
CA SER A 275 -43.29 -36.37 -5.76
C SER A 275 -43.04 -37.00 -7.14
N LYS A 276 -42.45 -38.18 -7.18
CA LYS A 276 -42.24 -38.89 -8.46
C LYS A 276 -43.56 -39.24 -9.16
N GLU A 277 -44.51 -39.76 -8.40
CA GLU A 277 -45.86 -40.02 -8.95
C GLU A 277 -46.52 -38.72 -9.47
N LYS A 278 -46.45 -37.64 -8.71
CA LYS A 278 -47.05 -36.38 -9.14
C LYS A 278 -46.39 -35.80 -10.40
N TRP A 279 -45.07 -35.92 -10.48
CA TRP A 279 -44.31 -35.45 -11.63
C TRP A 279 -44.78 -36.16 -12.90
N ASN A 280 -44.99 -37.47 -12.78
CA ASN A 280 -45.59 -38.27 -13.87
C ASN A 280 -47.09 -37.94 -14.15
N ASP A 281 -47.87 -37.69 -13.10
CA ASP A 281 -49.29 -37.33 -13.30
C ASP A 281 -49.44 -36.14 -14.22
N ILE A 282 -48.53 -35.18 -14.08
CA ILE A 282 -48.59 -33.97 -14.86
C ILE A 282 -48.62 -34.33 -16.34
N ASP A 283 -47.72 -35.22 -16.75
CA ASP A 283 -47.60 -35.66 -18.12
C ASP A 283 -48.83 -36.43 -18.58
N GLN A 284 -49.26 -37.38 -17.75
CA GLN A 284 -50.40 -38.21 -18.11
C GLN A 284 -51.64 -37.39 -18.25
N ILE A 285 -51.91 -36.54 -17.28
CA ILE A 285 -53.13 -35.77 -17.39
C ILE A 285 -53.08 -34.80 -18.57
N ALA A 286 -51.94 -34.18 -18.81
CA ALA A 286 -51.82 -33.23 -19.92
C ALA A 286 -52.02 -33.95 -21.25
N THR A 287 -51.56 -35.20 -21.32
CA THR A 287 -51.70 -36.00 -22.53
C THR A 287 -53.15 -36.26 -22.87
N SER A 288 -53.95 -36.62 -21.86
CA SER A 288 -55.38 -36.88 -22.07
C SER A 288 -56.13 -35.59 -22.37
N LEU A 289 -55.77 -34.51 -21.71
CA LEU A 289 -56.39 -33.21 -21.92
C LEU A 289 -56.14 -32.55 -23.27
N PHE A 290 -54.97 -32.79 -23.86
CA PHE A 290 -54.54 -31.96 -24.98
C PHE A 290 -54.34 -32.67 -26.32
N LYS A 291 -54.38 -33.99 -26.33
CA LYS A 291 -54.48 -34.76 -27.57
C LYS A 291 -55.50 -34.06 -28.48
N GLY A 292 -55.11 -33.72 -29.71
CA GLY A 292 -55.95 -32.81 -30.50
C GLY A 292 -55.29 -32.36 -31.79
N PRO A 293 -55.45 -31.09 -32.17
CA PRO A 293 -54.66 -30.59 -33.30
C PRO A 293 -53.54 -29.72 -32.81
N LYS A 294 -53.64 -29.22 -31.58
CA LYS A 294 -52.62 -28.35 -31.04
C LYS A 294 -51.84 -29.07 -29.96
N GLN A 295 -51.79 -30.39 -30.03
CA GLN A 295 -51.13 -31.13 -28.96
C GLN A 295 -49.65 -30.83 -28.95
N ASP A 296 -49.08 -30.51 -30.10
CA ASP A 296 -47.65 -30.24 -30.20
C ASP A 296 -47.25 -28.99 -29.46
N SER A 297 -48.07 -27.96 -29.54
CA SER A 297 -47.89 -26.76 -28.75
C SER A 297 -47.98 -26.88 -27.18
N HIS A 298 -48.97 -27.59 -26.62
CA HIS A 298 -48.98 -28.08 -25.24
C HIS A 298 -47.81 -29.04 -24.91
N ILE A 299 -47.40 -29.94 -25.77
CA ILE A 299 -46.25 -30.73 -25.38
C ILE A 299 -45.05 -29.82 -25.05
N ILE A 300 -44.88 -28.76 -25.83
CA ILE A 300 -43.72 -27.89 -25.74
C ILE A 300 -43.86 -27.02 -24.53
N LYS A 301 -45.04 -26.47 -24.34
CA LYS A 301 -45.25 -25.59 -23.24
C LYS A 301 -45.01 -26.31 -21.93
N LEU A 302 -45.60 -27.49 -21.72
CA LEU A 302 -45.37 -28.27 -20.50
C LEU A 302 -43.90 -28.55 -20.24
N ARG A 303 -43.16 -28.94 -21.27
CA ARG A 303 -41.72 -29.21 -21.14
C ARG A 303 -40.99 -27.98 -20.62
N GLU A 304 -41.27 -26.82 -21.23
CA GLU A 304 -40.70 -25.54 -20.81
C GLU A 304 -40.97 -25.27 -19.31
N CYS A 305 -42.21 -25.48 -18.88
CA CYS A 305 -42.59 -25.33 -17.46
C CYS A 305 -41.80 -26.27 -16.54
N LYS A 306 -41.59 -27.50 -16.97
CA LYS A 306 -40.83 -28.43 -16.15
C LYS A 306 -39.35 -28.05 -16.09
N GLU A 307 -38.80 -27.57 -17.18
CA GLU A 307 -37.42 -27.09 -17.19
C GLU A 307 -37.28 -25.89 -16.24
N ASP A 308 -38.17 -25.05 -16.35
CA ASP A 308 -38.18 -23.89 -15.45
C ASP A 308 -38.26 -24.33 -13.99
N LEU A 309 -39.04 -25.38 -13.72
CA LEU A 309 -39.12 -25.96 -12.38
C LEU A 309 -37.80 -26.55 -11.91
N VAL A 310 -37.03 -27.16 -12.81
CA VAL A 310 -35.71 -27.61 -12.44
C VAL A 310 -34.86 -26.41 -11.94
N LEU A 311 -34.93 -25.31 -12.68
CA LEU A 311 -34.19 -24.12 -12.32
C LEU A 311 -34.71 -23.57 -10.99
N MET A 312 -36.03 -23.40 -10.88
CA MET A 312 -36.65 -22.89 -9.66
C MET A 312 -36.23 -23.64 -8.38
N THR A 313 -36.00 -24.94 -8.50
CA THR A 313 -35.67 -25.75 -7.32
C THR A 313 -34.16 -25.88 -7.08
N LEU A 314 -33.38 -26.05 -8.14
CA LEU A 314 -31.95 -26.37 -7.97
C LEU A 314 -30.93 -25.25 -8.28
N TYR A 315 -31.36 -24.24 -9.02
CA TYR A 315 -30.45 -23.16 -9.46
C TYR A 315 -30.13 -22.29 -8.23
N PRO A 316 -28.91 -21.76 -8.14
CA PRO A 316 -28.54 -21.00 -6.96
C PRO A 316 -29.52 -19.87 -6.59
N LYS A 317 -29.93 -19.86 -5.34
CA LYS A 317 -30.69 -18.77 -4.76
C LYS A 317 -29.76 -17.86 -3.98
N LEU A 318 -29.49 -16.70 -4.58
CA LEU A 318 -28.59 -15.73 -4.04
C LEU A 318 -29.29 -14.71 -3.14
N ASP A 319 -28.59 -14.27 -2.11
CA ASP A 319 -29.06 -13.15 -1.30
CA ASP A 319 -29.04 -13.14 -1.30
C ASP A 319 -28.60 -11.89 -2.02
N VAL A 320 -29.54 -11.30 -2.76
CA VAL A 320 -29.21 -10.42 -3.86
C VAL A 320 -28.46 -9.17 -3.48
N GLU A 321 -28.88 -8.48 -2.41
CA GLU A 321 -28.25 -7.22 -2.03
C GLU A 321 -26.81 -7.37 -1.55
N VAL A 322 -26.45 -8.49 -1.08
CA VAL A 322 -25.09 -8.83 -0.69
CA VAL A 322 -25.07 -8.80 -0.61
C VAL A 322 -24.16 -8.64 -1.90
N THR A 323 -24.58 -9.09 -3.00
CA THR A 323 -23.81 -8.96 -4.24
C THR A 323 -23.85 -7.55 -4.88
N LYS A 324 -25.00 -6.88 -4.83
CA LYS A 324 -25.25 -5.64 -5.60
C LYS A 324 -24.54 -4.40 -5.04
N GLN A 325 -24.18 -4.44 -3.76
CA GLN A 325 -23.76 -3.25 -3.06
C GLN A 325 -22.26 -3.30 -2.75
N THR A 326 -21.52 -2.36 -3.33
CA THR A 326 -20.07 -2.29 -3.13
C THR A 326 -19.73 -2.20 -1.63
N ILE A 327 -20.55 -1.51 -0.85
CA ILE A 327 -20.23 -1.28 0.56
C ILE A 327 -20.67 -2.40 1.50
N HIS A 328 -21.31 -3.42 0.97
CA HIS A 328 -21.94 -4.40 1.85
C HIS A 328 -20.93 -5.14 2.74
N LEU A 329 -21.30 -5.29 3.99
CA LEU A 329 -20.47 -5.96 4.98
C LEU A 329 -20.81 -7.44 4.97
N LEU A 330 -19.80 -8.30 4.91
CA LEU A 330 -20.04 -9.74 5.01
C LEU A 330 -19.08 -10.40 6.02
N LYS A 331 -19.55 -11.39 6.79
CA LYS A 331 -18.70 -12.06 7.83
CA LYS A 331 -18.72 -12.05 7.80
C LYS A 331 -17.34 -12.48 7.31
N ALA A 332 -16.30 -12.30 8.13
CA ALA A 332 -14.96 -12.73 7.70
C ALA A 332 -14.81 -14.23 7.76
N PRO A 333 -14.06 -14.80 6.79
CA PRO A 333 -13.70 -16.16 6.95
C PRO A 333 -12.99 -16.41 8.28
N PHE A 334 -13.20 -17.61 8.86
CA PHE A 334 -12.53 -18.12 10.06
C PHE A 334 -13.10 -17.55 11.36
N CYS A 335 -14.17 -16.77 11.24
CA CYS A 335 -14.91 -16.36 12.41
C CYS A 335 -15.49 -17.63 13.01
N ILE A 336 -15.85 -17.53 14.26
CA ILE A 336 -16.64 -18.56 14.93
C ILE A 336 -18.09 -18.15 14.80
N HIS A 337 -18.96 -19.11 14.54
CA HIS A 337 -20.40 -18.85 14.64
C HIS A 337 -20.83 -19.15 16.06
N PRO A 338 -21.36 -18.14 16.77
CA PRO A 338 -21.66 -18.39 18.18
C PRO A 338 -22.83 -19.36 18.44
N ALA A 339 -23.77 -19.43 17.52
CA ALA A 339 -24.92 -20.33 17.63
C ALA A 339 -24.52 -21.80 17.50
N THR A 340 -23.62 -22.08 16.56
CA THR A 340 -23.25 -23.44 16.25
C THR A 340 -21.91 -23.86 16.83
N GLY A 341 -21.05 -22.88 17.12
CA GLY A 341 -19.67 -23.13 17.51
C GLY A 341 -18.76 -23.46 16.33
N ASN A 342 -19.30 -23.41 15.11
CA ASN A 342 -18.52 -23.80 13.93
C ASN A 342 -17.51 -22.71 13.60
N VAL A 343 -16.38 -23.09 12.99
CA VAL A 343 -15.44 -22.14 12.38
C VAL A 343 -15.89 -21.98 10.91
N CYS A 344 -15.90 -20.75 10.40
CA CYS A 344 -16.28 -20.45 9.02
C CYS A 344 -15.14 -20.70 8.06
N VAL A 345 -14.93 -21.97 7.75
CA VAL A 345 -13.77 -22.45 6.99
C VAL A 345 -13.99 -22.34 5.49
N PRO A 346 -12.88 -22.16 4.72
CA PRO A 346 -12.96 -22.41 3.30
C PRO A 346 -13.45 -23.83 2.94
N ILE A 347 -14.21 -23.90 1.85
CA ILE A 347 -14.87 -25.14 1.41
C ILE A 347 -14.94 -25.33 -0.11
N ASP A 348 -15.30 -26.54 -0.51
CA ASP A 348 -15.59 -26.87 -1.91
C ASP A 348 -16.83 -27.78 -1.99
N GLU A 349 -17.03 -28.35 -3.18
CA GLU A 349 -18.24 -29.13 -3.41
C GLU A 349 -18.27 -30.49 -2.69
N SER A 350 -17.21 -30.81 -1.94
CA SER A 350 -17.14 -32.05 -1.18
C SER A 350 -17.51 -31.87 0.29
N PHE A 351 -17.78 -30.62 0.68
CA PHE A 351 -17.98 -30.25 2.07
C PHE A 351 -19.24 -30.82 2.72
N ALA A 352 -19.08 -31.37 3.92
CA ALA A 352 -20.23 -31.67 4.73
C ALA A 352 -20.27 -30.59 5.79
N PRO A 353 -21.45 -30.03 6.08
CA PRO A 353 -21.54 -29.10 7.22
C PRO A 353 -21.27 -29.76 8.59
N GLU A 354 -21.61 -31.03 8.73
CA GLU A 354 -21.22 -31.81 9.89
C GLU A 354 -19.70 -31.85 10.06
N LYS A 355 -18.96 -31.60 8.98
CA LYS A 355 -17.49 -31.65 8.98
C LYS A 355 -16.77 -30.35 9.40
N ALA A 356 -17.50 -29.27 9.68
CA ALA A 356 -16.88 -28.02 10.10
C ALA A 356 -16.24 -28.21 11.48
N PRO A 357 -14.99 -27.70 11.66
CA PRO A 357 -14.41 -27.75 13.00
C PRO A 357 -15.22 -26.91 14.00
N LYS A 358 -15.38 -27.45 15.20
CA LYS A 358 -16.02 -26.73 16.28
C LYS A 358 -14.94 -26.18 17.19
N LEU A 359 -15.17 -24.95 17.66
CA LEU A 359 -14.18 -24.24 18.47
C LEU A 359 -13.79 -25.00 19.73
N ILE A 360 -14.78 -25.50 20.46
CA ILE A 360 -14.50 -26.26 21.69
C ILE A 360 -13.62 -27.47 21.37
N ASP A 361 -13.94 -28.19 20.32
CA ASP A 361 -13.12 -29.35 19.94
C ASP A 361 -11.65 -28.96 19.64
N LEU A 362 -11.47 -27.84 18.92
CA LEU A 362 -10.13 -27.38 18.57
C LEU A 362 -9.36 -26.97 19.82
N GLN A 363 -10.02 -26.32 20.76
CA GLN A 363 -9.29 -25.93 21.94
C GLN A 363 -8.87 -27.13 22.79
N THR A 364 -9.66 -28.21 22.77
CA THR A 364 -9.31 -29.43 23.48
C THR A 364 -8.16 -30.08 22.78
N GLU A 365 -8.22 -30.05 21.47
CA GLU A 365 -7.23 -30.74 20.66
C GLU A 365 -5.87 -30.06 20.87
N MET A 366 -5.85 -28.74 20.80
CA MET A 366 -4.57 -28.04 20.92
C MET A 366 -3.93 -28.18 22.31
N GLU A 367 -4.71 -28.37 23.36
CA GLU A 367 -4.17 -28.62 24.70
C GLU A 367 -3.72 -30.08 24.79
N LYS A 368 -4.54 -30.98 24.26
CA LYS A 368 -4.19 -32.40 24.23
C LYS A 368 -2.85 -32.56 23.57
N ASN A 369 -2.63 -31.81 22.49
CA ASN A 369 -1.44 -31.95 21.69
C ASN A 369 -0.35 -30.94 22.08
N ASN A 370 -0.67 -30.07 23.05
CA ASN A 370 0.26 -29.09 23.58
C ASN A 370 0.94 -28.28 22.45
N ASP A 371 0.18 -27.97 21.41
CA ASP A 371 0.74 -27.29 20.22
C ASP A 371 -0.37 -26.66 19.42
N VAL A 372 -0.28 -25.35 19.23
CA VAL A 372 -1.29 -24.59 18.46
C VAL A 372 -1.50 -25.09 17.03
N SER A 373 -0.44 -25.60 16.43
CA SER A 373 -0.43 -26.02 15.03
CA SER A 373 -0.46 -26.00 15.03
C SER A 373 -1.04 -27.40 14.79
N LEU A 374 -1.31 -28.14 15.86
CA LEU A 374 -1.78 -29.52 15.76
C LEU A 374 -3.28 -29.63 16.05
N THR A 375 -4.09 -28.90 15.26
CA THR A 375 -5.54 -29.05 15.32
C THR A 375 -6.12 -29.34 13.94
N ALA A 376 -7.37 -29.78 13.94
CA ALA A 376 -8.11 -30.03 12.70
C ALA A 376 -8.31 -28.75 11.87
N LEU A 377 -8.05 -27.58 12.46
CA LEU A 377 -8.17 -26.33 11.69
C LEU A 377 -6.92 -26.07 10.86
N GLN A 378 -5.78 -26.68 11.20
CA GLN A 378 -4.53 -26.36 10.50
C GLN A 378 -4.56 -26.64 8.99
N PRO A 379 -5.14 -27.77 8.58
CA PRO A 379 -5.17 -28.01 7.15
C PRO A 379 -5.97 -26.97 6.37
N PHE A 380 -6.97 -26.34 7.02
CA PHE A 380 -7.78 -25.30 6.35
C PHE A 380 -6.95 -24.02 6.30
N ILE A 381 -6.21 -23.76 7.36
CA ILE A 381 -5.33 -22.61 7.40
C ILE A 381 -4.25 -22.75 6.31
N ASN A 382 -3.59 -23.90 6.29
CA ASN A 382 -2.57 -24.18 5.26
C ASN A 382 -3.05 -24.02 3.81
N GLN A 383 -4.21 -24.59 3.50
CA GLN A 383 -4.85 -24.42 2.19
C GLN A 383 -5.19 -22.94 1.90
N PHE A 384 -5.70 -22.22 2.90
CA PHE A 384 -5.95 -20.79 2.71
C PHE A 384 -4.66 -19.99 2.49
N GLN A 385 -3.61 -20.31 3.23
CA GLN A 385 -2.30 -19.66 3.01
C GLN A 385 -1.85 -19.91 1.57
N ALA A 386 -2.09 -21.12 1.07
CA ALA A 386 -1.64 -21.45 -0.25
C ALA A 386 -2.42 -20.63 -1.27
N TYR A 387 -3.73 -20.50 -1.03
CA TYR A 387 -4.60 -19.75 -1.93
C TYR A 387 -4.14 -18.30 -1.97
N VAL A 388 -3.92 -17.74 -0.79
CA VAL A 388 -3.51 -16.35 -0.65
C VAL A 388 -2.19 -16.08 -1.37
N SER A 389 -1.20 -16.94 -1.15
CA SER A 389 0.09 -16.83 -1.84
C SER A 389 -0.07 -16.72 -3.35
N SER A 390 -0.90 -17.61 -3.92
CA SER A 390 -1.25 -17.59 -5.35
C SER A 390 -1.88 -16.25 -5.78
N LEU A 391 -2.84 -15.74 -5.01
CA LEU A 391 -3.44 -14.42 -5.23
C LEU A 391 -2.41 -13.30 -5.25
N LEU A 392 -1.50 -13.33 -4.29
CA LEU A 392 -0.47 -12.30 -4.19
C LEU A 392 0.43 -12.38 -5.42
N LYS A 393 0.80 -13.58 -5.82
CA LYS A 393 1.58 -13.76 -7.04
C LYS A 393 0.86 -13.09 -8.22
N ASN A 394 -0.43 -13.43 -8.40
CA ASN A 394 -1.21 -12.91 -9.52
C ASN A 394 -1.41 -11.39 -9.52
N GLU A 395 -1.62 -10.81 -8.34
CA GLU A 395 -1.71 -9.36 -8.18
C GLU A 395 -0.42 -8.69 -8.65
N LEU A 396 0.70 -9.25 -8.21
CA LEU A 396 2.03 -8.73 -8.57
C LEU A 396 2.29 -8.96 -10.05
N GLY A 397 1.96 -10.17 -10.52
CA GLY A 397 2.10 -10.53 -11.93
C GLY A 397 1.23 -9.67 -12.84
N SER A 398 0.14 -9.15 -12.29
CA SER A 398 -0.70 -8.21 -13.04
C SER A 398 0.01 -6.88 -13.28
N VAL A 399 0.71 -6.37 -12.25
CA VAL A 399 1.54 -5.17 -12.44
C VAL A 399 2.76 -5.51 -13.32
N LYS A 400 3.18 -6.78 -13.27
CA LYS A 400 4.18 -7.32 -14.21
C LYS A 400 3.66 -7.39 -15.64
N ARG A 401 2.37 -7.66 -15.81
CA ARG A 401 1.73 -7.63 -17.13
C ARG A 401 1.57 -6.19 -17.64
N GLU A 402 1.30 -5.27 -16.71
CA GLU A 402 1.32 -3.83 -17.02
C GLU A 402 2.70 -3.41 -17.53
N ARG A 403 3.76 -3.89 -16.87
CA ARG A 403 5.14 -3.67 -17.33
C ARG A 403 5.43 -4.33 -18.68
N GLU A 404 4.91 -5.56 -18.87
CA GLU A 404 5.11 -6.32 -20.11
C GLU A 404 4.40 -5.68 -21.30
N ASP A 405 3.23 -5.11 -21.04
CA ASP A 405 2.52 -4.30 -22.04
C ASP A 405 3.29 -3.00 -22.33
N ASP A 406 3.80 -2.39 -21.27
CA ASP A 406 4.63 -1.17 -21.38
C ASP A 406 6.05 -1.41 -21.91
N ASP A 407 6.47 -2.67 -22.02
CA ASP A 407 7.83 -3.05 -22.46
C ASP A 407 8.15 -2.63 -23.89
N GLU A 408 7.12 -2.37 -24.69
CA GLU A 408 7.27 -1.81 -26.04
C GLU A 408 8.14 -0.55 -26.04
N PRO B 15 7.28 35.39 -2.08
CA PRO B 15 6.28 35.76 -3.07
C PRO B 15 4.89 35.74 -2.47
N SER B 16 3.93 36.32 -3.18
CA SER B 16 2.61 36.51 -2.60
C SER B 16 1.87 35.21 -2.29
N SER B 17 0.86 35.29 -1.44
CA SER B 17 -0.03 34.16 -1.20
C SER B 17 -0.67 33.63 -2.47
N SER B 18 -0.89 34.49 -3.45
CA SER B 18 -1.60 34.09 -4.64
C SER B 18 -0.64 33.44 -5.61
N ASP B 19 0.60 33.91 -5.64
CA ASP B 19 1.60 33.28 -6.48
C ASP B 19 1.84 31.87 -5.95
N MET B 20 1.96 31.72 -4.63
CA MET B 20 2.17 30.39 -4.03
C MET B 20 1.00 29.45 -4.31
N GLU B 21 -0.22 29.94 -4.10
CA GLU B 21 -1.42 29.12 -4.33
C GLU B 21 -1.46 28.61 -5.77
N TYR B 22 -1.15 29.50 -6.71
CA TYR B 22 -1.17 29.16 -8.12
C TYR B 22 -0.03 28.22 -8.52
N TYR B 23 1.12 28.36 -7.87
CA TYR B 23 2.20 27.38 -8.01
C TYR B 23 1.71 26.00 -7.60
N TYR B 24 1.08 25.87 -6.45
CA TYR B 24 0.59 24.55 -6.03
C TYR B 24 -0.48 24.00 -6.97
N LYS B 25 -1.42 24.85 -7.36
CA LYS B 25 -2.51 24.41 -8.22
C LYS B 25 -2.03 23.93 -9.60
N SER B 26 -0.96 24.55 -10.13
CA SER B 26 -0.60 24.38 -11.56
CA SER B 26 -0.63 24.33 -11.53
C SER B 26 0.69 23.64 -11.85
N LEU B 27 1.72 23.81 -11.02
CA LEU B 27 3.06 23.30 -11.37
C LEU B 27 3.70 22.30 -10.40
N TYR B 28 3.41 22.39 -9.11
CA TYR B 28 4.06 21.48 -8.13
C TYR B 28 3.78 20.00 -8.54
N PRO B 29 4.84 19.16 -8.70
CA PRO B 29 4.56 17.81 -9.21
C PRO B 29 4.09 16.82 -8.10
N PHE B 30 2.85 17.00 -7.66
CA PHE B 30 2.31 16.19 -6.56
C PHE B 30 2.35 14.67 -6.82
N LYS B 31 1.96 14.26 -8.04
CA LYS B 31 1.98 12.83 -8.44
C LYS B 31 3.37 12.20 -8.32
N HIS B 32 4.37 12.86 -8.88
CA HIS B 32 5.71 12.29 -8.89
C HIS B 32 6.34 12.27 -7.50
N ILE B 33 6.09 13.28 -6.67
CA ILE B 33 6.59 13.33 -5.30
C ILE B 33 5.88 12.24 -4.47
N PHE B 34 4.55 12.16 -4.59
CA PHE B 34 3.79 11.12 -3.92
C PHE B 34 4.38 9.74 -4.23
N ASN B 35 4.53 9.44 -5.53
CA ASN B 35 5.07 8.16 -5.99
C ASN B 35 6.50 7.86 -5.51
N TRP B 36 7.33 8.88 -5.52
CA TRP B 36 8.68 8.84 -4.99
C TRP B 36 8.70 8.41 -3.53
N LEU B 37 7.79 8.96 -2.73
CA LEU B 37 7.75 8.70 -1.33
C LEU B 37 6.99 7.43 -0.97
N ASN B 38 5.97 7.11 -1.75
CA ASN B 38 5.17 5.93 -1.57
C ASN B 38 5.84 4.64 -2.10
N HIS B 39 6.75 4.82 -3.06
CA HIS B 39 7.46 3.71 -3.73
C HIS B 39 6.56 2.80 -4.58
N SER B 40 5.40 3.33 -4.98
CA SER B 40 4.39 2.63 -5.77
C SER B 40 3.31 3.66 -6.16
N PRO B 41 2.61 3.46 -7.29
CA PRO B 41 1.45 4.29 -7.64
C PRO B 41 0.23 4.08 -6.75
N LYS B 42 0.16 2.90 -6.12
CA LYS B 42 -0.98 2.54 -5.28
C LYS B 42 -0.73 2.93 -3.83
N PRO B 43 -1.57 3.81 -3.27
CA PRO B 43 -1.24 4.24 -1.96
C PRO B 43 -0.97 3.13 -0.93
N SER B 44 0.18 3.27 -0.28
CA SER B 44 0.61 2.35 0.79
C SER B 44 0.95 3.11 2.07
N ARG B 45 1.33 2.35 3.09
CA ARG B 45 1.83 2.89 4.34
CA ARG B 45 1.76 2.99 4.33
C ARG B 45 2.94 3.95 4.11
N ASP B 46 3.77 3.72 3.10
CA ASP B 46 4.91 4.62 2.83
C ASP B 46 4.49 6.09 2.62
N MET B 47 3.26 6.35 2.17
CA MET B 47 2.70 7.73 2.19
C MET B 47 1.62 7.92 3.23
N ILE B 48 0.74 6.93 3.38
CA ILE B 48 -0.37 7.10 4.32
C ILE B 48 0.13 7.31 5.74
N ASN B 49 1.26 6.70 6.12
CA ASN B 49 1.82 6.90 7.46
C ASN B 49 2.98 7.88 7.55
N ARG B 50 3.15 8.71 6.54
CA ARG B 50 4.32 9.56 6.50
C ARG B 50 4.01 10.95 7.01
N GLU B 51 4.87 11.46 7.88
CA GLU B 51 4.69 12.79 8.40
C GLU B 51 5.11 13.81 7.34
N PHE B 52 4.30 14.84 7.21
CA PHE B 52 4.74 16.08 6.58
C PHE B 52 4.54 17.17 7.60
N ALA B 53 5.45 18.14 7.57
CA ALA B 53 5.32 19.37 8.32
C ALA B 53 5.15 20.54 7.32
N MET B 54 4.40 21.54 7.74
CA MET B 54 4.14 22.73 6.93
C MET B 54 4.56 23.98 7.70
N ALA B 55 5.22 24.90 7.01
CA ALA B 55 5.66 26.17 7.58
C ALA B 55 4.95 27.32 6.86
N PHE B 56 4.44 28.27 7.64
CA PHE B 56 3.61 29.34 7.11
C PHE B 56 4.26 30.70 7.25
N ARG B 57 3.89 31.60 6.34
CA ARG B 57 4.40 32.97 6.28
C ARG B 57 3.80 33.76 7.43
N SER B 58 4.54 33.81 8.53
CA SER B 58 4.05 34.26 9.82
C SER B 58 4.89 33.58 10.89
N GLY B 59 5.38 32.38 10.56
CA GLY B 59 6.22 31.60 11.47
C GLY B 59 5.53 30.41 12.10
N ALA B 60 4.23 30.27 11.88
CA ALA B 60 3.50 29.12 12.38
C ALA B 60 4.06 27.87 11.72
N TYR B 61 3.97 26.76 12.45
CA TYR B 61 4.61 25.52 12.08
C TYR B 61 3.76 24.36 12.57
N LYS B 62 3.33 23.51 11.64
CA LYS B 62 2.38 22.44 11.93
C LYS B 62 2.95 21.10 11.53
N ARG B 63 3.24 20.27 12.54
CA ARG B 63 3.70 18.89 12.34
C ARG B 63 2.58 17.89 12.20
N TYR B 64 2.93 16.65 11.87
CA TYR B 64 2.01 15.54 12.00
C TYR B 64 0.81 15.61 11.06
N ASN B 65 1.04 16.19 9.88
CA ASN B 65 0.10 16.10 8.79
C ASN B 65 0.42 14.82 8.07
N SER B 66 -0.58 14.25 7.40
CA SER B 66 -0.32 13.10 6.54
C SER B 66 -1.38 13.00 5.46
N PHE B 67 -0.98 12.46 4.30
CA PHE B 67 -1.84 12.46 3.11
C PHE B 67 -1.99 11.04 2.55
N ASN B 68 -3.20 10.73 2.07
CA ASN B 68 -3.62 9.38 1.65
C ASN B 68 -3.44 9.05 0.18
N SER B 69 -3.33 10.07 -0.66
CA SER B 69 -3.34 9.89 -2.11
C SER B 69 -2.79 11.13 -2.75
N VAL B 70 -2.51 11.07 -4.05
CA VAL B 70 -2.07 12.28 -4.78
C VAL B 70 -3.09 13.42 -4.59
N GLN B 71 -4.38 13.10 -4.66
CA GLN B 71 -5.38 14.16 -4.63
C GLN B 71 -5.53 14.73 -3.23
N ASP B 72 -5.40 13.90 -2.20
CA ASP B 72 -5.44 14.36 -0.81
C ASP B 72 -4.22 15.26 -0.49
N PHE B 73 -3.07 14.83 -0.97
CA PHE B 73 -1.80 15.57 -0.87
C PHE B 73 -1.97 16.95 -1.50
N LYS B 74 -2.36 16.97 -2.76
CA LYS B 74 -2.53 18.22 -3.46
C LYS B 74 -3.54 19.11 -2.72
N ALA B 75 -4.68 18.53 -2.37
CA ALA B 75 -5.77 19.30 -1.76
C ALA B 75 -5.33 19.98 -0.48
N GLN B 76 -4.75 19.23 0.45
CA GLN B 76 -4.37 19.80 1.73
C GLN B 76 -3.31 20.88 1.56
N ILE B 77 -2.34 20.65 0.67
CA ILE B 77 -1.28 21.66 0.43
C ILE B 77 -1.86 22.93 -0.20
N GLU B 78 -2.74 22.77 -1.18
CA GLU B 78 -3.45 23.92 -1.79
C GLU B 78 -4.22 24.69 -0.73
N LYS B 79 -4.98 23.97 0.09
CA LYS B 79 -5.83 24.60 1.11
C LYS B 79 -5.01 25.36 2.15
N ALA B 80 -3.90 24.76 2.60
CA ALA B 80 -3.06 25.36 3.61
C ALA B 80 -2.17 26.45 3.01
N ASN B 81 -1.76 26.26 1.76
CA ASN B 81 -0.91 27.21 1.05
C ASN B 81 0.31 27.61 1.87
N PRO B 82 1.10 26.62 2.31
CA PRO B 82 2.25 26.98 3.15
C PRO B 82 3.39 27.54 2.31
N ASP B 83 4.31 28.24 2.96
CA ASP B 83 5.55 28.70 2.31
C ASP B 83 6.44 27.54 1.88
N ARG B 84 6.42 26.48 2.68
CA ARG B 84 7.21 25.29 2.39
C ARG B 84 6.62 24.12 3.13
N PHE B 85 6.99 22.93 2.72
CA PHE B 85 6.65 21.78 3.55
C PHE B 85 7.79 20.80 3.58
N GLU B 86 7.78 20.01 4.64
CA GLU B 86 8.89 19.14 4.96
C GLU B 86 8.41 17.72 5.06
N ILE B 87 9.24 16.79 4.61
CA ILE B 87 8.97 15.39 4.68
C ILE B 87 9.70 14.69 5.85
N GLY B 88 9.00 13.75 6.46
CA GLY B 88 9.45 13.07 7.62
C GLY B 88 9.43 11.58 7.45
N ALA B 89 9.37 10.90 8.60
CA ALA B 89 9.42 9.45 8.65
C ALA B 89 8.06 8.83 8.30
N ILE B 90 8.16 7.55 7.93
CA ILE B 90 7.04 6.62 7.78
C ILE B 90 6.85 5.95 9.13
N TYR B 91 5.63 6.06 9.64
CA TYR B 91 5.25 5.63 10.99
C TYR B 91 4.36 4.39 10.95
N ASN B 92 4.02 3.88 12.13
CA ASN B 92 3.20 2.66 12.26
C ASN B 92 1.70 2.93 12.12
N LYS B 93 1.29 4.16 12.42
CA LYS B 93 -0.05 4.63 12.07
C LYS B 93 0.03 6.00 11.40
N PRO B 94 -1.14 6.53 10.96
CA PRO B 94 -1.12 7.84 10.29
C PRO B 94 -0.81 9.01 11.23
N PRO B 95 0.17 9.85 10.86
CA PRO B 95 0.52 10.93 11.77
C PRO B 95 -0.63 11.87 12.09
N ARG B 96 -1.51 12.12 11.13
CA ARG B 96 -2.68 12.99 11.40
C ARG B 96 -3.62 12.41 12.47
N GLU B 97 -3.53 11.11 12.74
CA GLU B 97 -4.34 10.51 13.81
C GLU B 97 -3.67 10.66 15.16
N ARG B 98 -2.48 11.23 15.20
CA ARG B 98 -1.86 11.54 16.44
C ARG B 98 -2.66 12.63 17.02
N ASP B 99 -3.49 12.30 17.97
CA ASP B 99 -4.37 13.25 18.64
C ASP B 99 -5.57 12.56 19.21
N THR B 100 -5.74 11.29 18.85
CA THR B 100 -6.78 10.46 19.44
C THR B 100 -6.37 9.02 19.86
N LEU B 101 -5.12 8.60 19.79
CA LEU B 101 -3.93 9.37 19.57
C LEU B 101 -2.89 8.33 19.88
N LEU B 102 -3.00 7.84 21.12
CA LEU B 102 -1.93 7.16 21.84
C LEU B 102 -2.20 5.66 22.13
N LYS B 103 -1.81 4.81 21.18
CA LYS B 103 -1.63 3.35 21.35
C LYS B 103 -0.64 3.00 22.49
N SER B 104 0.55 2.51 22.18
CA SER B 104 1.67 2.78 23.07
C SER B 104 1.87 4.24 22.70
N GLU B 105 2.35 4.48 21.48
CA GLU B 105 1.83 5.62 20.69
C GLU B 105 2.23 5.54 19.22
N LEU B 106 2.96 6.55 18.75
CA LEU B 106 3.27 6.72 17.34
C LEU B 106 4.73 6.37 17.17
N LYS B 107 5.02 5.42 16.30
CA LYS B 107 6.37 4.92 16.15
C LYS B 107 6.92 4.97 14.74
N ALA B 108 8.13 5.50 14.61
CA ALA B 108 8.83 5.57 13.35
C ALA B 108 9.37 4.21 12.89
N LEU B 109 9.13 3.86 11.64
CA LEU B 109 9.54 2.57 11.07
C LEU B 109 10.68 2.72 10.08
N GLU B 110 10.63 3.75 9.25
CA GLU B 110 11.63 3.91 8.21
C GLU B 110 11.56 5.28 7.57
N LYS B 111 12.64 5.63 6.88
CA LYS B 111 12.72 6.89 6.17
C LYS B 111 13.96 6.93 5.32
N GLU B 112 13.84 7.66 4.21
CA GLU B 112 14.97 7.92 3.37
C GLU B 112 16.16 8.43 4.20
N LEU B 113 17.33 7.89 3.87
CA LEU B 113 18.61 8.38 4.38
C LEU B 113 18.91 9.68 3.64
N VAL B 114 19.08 10.75 4.41
CA VAL B 114 19.35 12.11 3.90
C VAL B 114 20.66 12.76 4.42
N PHE B 115 21.15 13.69 3.60
CA PHE B 115 22.39 14.40 3.84
C PHE B 115 22.07 15.82 3.44
N ASP B 116 22.68 16.76 4.16
CA ASP B 116 22.41 18.16 4.00
C ASP B 116 23.70 18.96 4.05
N ILE B 117 23.98 19.72 3.00
CA ILE B 117 25.18 20.54 2.93
C ILE B 117 24.72 21.96 2.84
N ASP B 118 25.15 22.78 3.81
CA ASP B 118 24.88 24.21 3.88
C ASP B 118 26.16 25.00 3.63
N MET B 119 26.14 25.89 2.65
CA MET B 119 27.34 26.59 2.23
C MET B 119 27.94 27.53 3.28
N ASP B 120 27.12 28.06 4.17
CA ASP B 120 27.64 28.96 5.18
C ASP B 120 28.67 28.26 6.07
N ASP B 121 28.56 26.94 6.20
CA ASP B 121 29.59 26.15 6.90
C ASP B 121 31.01 26.24 6.29
N TYR B 122 31.10 26.72 5.05
CA TYR B 122 32.37 26.91 4.36
C TYR B 122 32.83 28.36 4.40
N ASP B 123 32.20 29.20 5.21
CA ASP B 123 32.44 30.66 5.15
C ASP B 123 33.88 31.06 5.52
N ALA B 124 34.55 30.24 6.32
CA ALA B 124 35.97 30.46 6.60
C ALA B 124 36.85 30.38 5.36
N PHE B 125 36.42 29.62 4.35
CA PHE B 125 37.26 29.29 3.22
C PHE B 125 36.80 29.84 1.88
N ARG B 126 35.70 30.58 1.87
CA ARG B 126 35.24 31.20 0.64
C ARG B 126 35.20 32.68 0.87
N THR B 127 35.35 33.44 -0.22
CA THR B 127 35.30 34.88 -0.15
C THR B 127 34.26 35.50 -1.07
N CYS B 128 33.84 34.76 -2.11
CA CYS B 128 32.92 35.33 -3.12
C CYS B 128 31.51 35.56 -2.59
N CYS B 129 31.09 34.73 -1.63
CA CYS B 129 29.85 34.98 -0.88
C CYS B 129 30.07 34.58 0.55
N SER B 130 29.18 35.06 1.43
CA SER B 130 29.12 34.64 2.82
C SER B 130 27.66 34.44 3.23
N GLY B 131 27.45 33.67 4.29
CA GLY B 131 26.13 33.43 4.85
C GLY B 131 25.25 32.66 3.91
N ALA B 132 24.00 33.10 3.78
CA ALA B 132 23.00 32.35 3.00
C ALA B 132 23.01 32.70 1.50
N GLN B 133 24.13 33.25 1.01
CA GLN B 133 24.27 33.58 -0.41
C GLN B 133 25.20 32.56 -1.05
N VAL B 134 24.97 32.27 -2.33
CA VAL B 134 25.77 31.32 -3.09
C VAL B 134 25.88 31.74 -4.57
N CYS B 135 26.86 31.20 -5.30
CA CYS B 135 26.97 31.42 -6.75
C CYS B 135 27.74 30.27 -7.41
N SER B 136 27.86 30.29 -8.72
CA SER B 136 28.60 29.24 -9.44
C SER B 136 30.02 28.98 -8.91
N LYS B 137 30.73 30.04 -8.56
CA LYS B 137 32.10 29.93 -8.06
C LYS B 137 32.17 29.10 -6.78
N CYS B 138 31.40 29.47 -5.75
CA CYS B 138 31.48 28.72 -4.49
C CYS B 138 30.63 27.46 -4.49
N TRP B 139 29.72 27.35 -5.45
CA TRP B 139 28.98 26.10 -5.62
C TRP B 139 29.89 24.92 -5.87
N LYS B 140 31.09 25.15 -6.39
CA LYS B 140 32.09 24.08 -6.60
C LYS B 140 32.35 23.26 -5.32
N PHE B 141 32.17 23.88 -4.16
CA PHE B 141 32.29 23.18 -2.86
C PHE B 141 31.19 22.14 -2.73
N ILE B 142 29.99 22.48 -3.21
CA ILE B 142 28.86 21.55 -3.20
C ILE B 142 29.09 20.42 -4.19
N SER B 143 29.52 20.74 -5.41
CA SER B 143 29.83 19.72 -6.41
C SER B 143 30.85 18.69 -5.90
N LEU B 144 31.89 19.18 -5.23
CA LEU B 144 32.86 18.29 -4.60
C LEU B 144 32.22 17.49 -3.46
N ALA B 145 31.41 18.15 -2.63
CA ALA B 145 30.66 17.44 -1.61
C ALA B 145 29.85 16.26 -2.20
N MET B 146 29.24 16.47 -3.38
CA MET B 146 28.49 15.42 -4.07
C MET B 146 29.36 14.29 -4.54
N LYS B 147 30.49 14.64 -5.15
CA LYS B 147 31.43 13.66 -5.69
C LYS B 147 31.87 12.71 -4.58
N ILE B 148 32.28 13.27 -3.46
CA ILE B 148 32.79 12.50 -2.32
C ILE B 148 31.69 11.65 -1.71
N THR B 149 30.55 12.28 -1.43
CA THR B 149 29.44 11.59 -0.81
C THR B 149 28.92 10.47 -1.71
N ASN B 150 28.77 10.78 -3.00
CA ASN B 150 28.29 9.81 -3.99
C ASN B 150 29.24 8.62 -4.05
N THR B 151 30.54 8.90 -4.02
CA THR B 151 31.54 7.82 -4.03
C THR B 151 31.35 6.88 -2.84
N ALA B 152 31.14 7.41 -1.64
CA ALA B 152 30.93 6.55 -0.48
C ALA B 152 29.60 5.81 -0.54
N LEU B 153 28.59 6.47 -1.08
CA LEU B 153 27.27 5.87 -1.18
C LEU B 153 27.31 4.68 -2.14
N ARG B 154 27.87 4.88 -3.32
CA ARG B 154 27.95 3.82 -4.33
C ARG B 154 28.97 2.72 -4.01
N GLU B 155 30.19 3.12 -3.63
CA GLU B 155 31.30 2.18 -3.51
C GLU B 155 31.33 1.43 -2.17
N ASP B 156 30.99 2.11 -1.09
CA ASP B 156 31.17 1.54 0.24
C ASP B 156 29.85 0.99 0.76
N PHE B 157 28.76 1.68 0.47
CA PHE B 157 27.48 1.21 0.92
C PHE B 157 26.71 0.51 -0.17
N GLY B 158 27.00 0.82 -1.43
CA GLY B 158 26.33 0.15 -2.53
C GLY B 158 24.87 0.56 -2.65
N TYR B 159 24.56 1.79 -2.21
CA TYR B 159 23.26 2.37 -2.49
C TYR B 159 23.25 2.88 -3.91
N LYS B 160 22.13 2.80 -4.58
CA LYS B 160 22.07 3.18 -5.99
C LYS B 160 20.98 4.18 -6.33
N ASP B 161 19.89 4.19 -5.58
CA ASP B 161 18.78 5.10 -5.86
C ASP B 161 18.86 6.31 -4.98
N PHE B 162 19.65 7.30 -5.38
CA PHE B 162 19.70 8.55 -4.63
C PHE B 162 19.67 9.78 -5.57
N ILE B 163 19.19 10.90 -5.04
CA ILE B 163 19.07 12.14 -5.83
C ILE B 163 19.51 13.34 -4.98
N TRP B 164 20.20 14.29 -5.60
CA TRP B 164 20.48 15.55 -4.94
C TRP B 164 19.46 16.60 -5.37
N VAL B 165 19.11 17.48 -4.42
CA VAL B 165 18.12 18.53 -4.62
C VAL B 165 18.60 19.88 -4.02
N PHE B 166 18.43 20.93 -4.82
CA PHE B 166 18.80 22.26 -4.40
C PHE B 166 17.91 22.67 -3.24
N SER B 167 18.49 23.23 -2.21
CA SER B 167 17.72 23.65 -1.05
C SER B 167 16.95 24.97 -1.24
N GLY B 168 17.16 25.65 -2.38
CA GLY B 168 16.53 26.93 -2.67
C GLY B 168 17.42 28.11 -2.35
N ARG B 169 18.35 27.94 -1.41
CA ARG B 169 19.19 29.03 -1.01
C ARG B 169 20.64 28.65 -0.72
N ARG B 170 20.85 27.84 0.32
CA ARG B 170 22.19 27.68 0.89
C ARG B 170 22.96 26.47 0.44
N GLY B 171 22.33 25.50 -0.20
CA GLY B 171 23.09 24.30 -0.58
C GLY B 171 22.24 23.21 -1.19
N ALA B 172 22.58 21.96 -0.85
CA ALA B 172 21.94 20.82 -1.43
C ALA B 172 21.65 19.68 -0.44
N HIS B 173 20.60 18.96 -0.76
CA HIS B 173 20.09 17.84 0.03
C HIS B 173 20.12 16.56 -0.78
N CYS B 174 20.58 15.47 -0.17
CA CYS B 174 20.71 14.18 -0.85
C CYS B 174 19.65 13.26 -0.26
N TRP B 175 18.86 12.62 -1.10
CA TRP B 175 17.78 11.73 -0.64
C TRP B 175 18.08 10.33 -1.16
N VAL B 176 18.39 9.40 -0.26
CA VAL B 176 18.65 8.03 -0.66
C VAL B 176 17.43 7.16 -0.35
N SER B 177 16.90 6.50 -1.38
CA SER B 177 15.63 5.76 -1.28
CA SER B 177 15.64 5.77 -1.28
C SER B 177 15.82 4.23 -1.26
N ASP B 178 17.03 3.74 -1.46
CA ASP B 178 17.27 2.28 -1.37
C ASP B 178 16.63 1.69 -0.13
N LYS B 179 15.84 0.62 -0.31
CA LYS B 179 15.16 -0.06 0.81
C LYS B 179 16.00 -0.16 2.10
N ARG B 180 17.21 -0.69 1.98
CA ARG B 180 18.04 -0.91 3.17
C ARG B 180 18.55 0.40 3.79
N ALA B 181 18.63 1.47 2.99
CA ALA B 181 18.91 2.79 3.53
C ALA B 181 17.73 3.30 4.32
N ARG B 182 16.53 3.08 3.81
CA ARG B 182 15.33 3.55 4.49
C ARG B 182 15.15 2.83 5.83
N ALA B 183 15.58 1.57 5.87
CA ALA B 183 15.42 0.74 7.05
C ALA B 183 16.30 1.11 8.24
N LEU B 184 17.28 2.00 8.06
CA LEU B 184 18.28 2.26 9.10
C LEU B 184 17.67 2.80 10.41
N THR B 185 18.16 2.27 11.52
CA THR B 185 17.81 2.79 12.83
C THR B 185 18.62 4.06 13.08
N ASP B 186 18.28 4.79 14.14
CA ASP B 186 19.02 5.97 14.54
C ASP B 186 20.51 5.68 14.73
N VAL B 187 20.83 4.58 15.41
CA VAL B 187 22.22 4.18 15.64
C VAL B 187 22.97 3.93 14.32
N GLN B 188 22.35 3.21 13.40
CA GLN B 188 22.95 2.93 12.11
C GLN B 188 23.16 4.20 11.29
N ARG B 189 22.23 5.15 11.37
CA ARG B 189 22.38 6.45 10.70
C ARG B 189 23.50 7.30 11.32
N ARG B 190 23.73 7.10 12.61
CA ARG B 190 24.85 7.77 13.29
C ARG B 190 26.16 7.15 12.83
N ASN B 191 26.14 5.84 12.57
CA ASN B 191 27.32 5.13 12.07
C ASN B 191 27.64 5.47 10.61
N VAL B 192 26.61 5.65 9.78
CA VAL B 192 26.79 6.13 8.40
C VAL B 192 27.38 7.52 8.43
N LEU B 193 26.76 8.39 9.20
CA LEU B 193 27.29 9.73 9.33
C LEU B 193 28.73 9.77 9.82
N ASP B 194 29.07 8.92 10.78
CA ASP B 194 30.38 8.94 11.37
C ASP B 194 31.39 8.58 10.31
N TYR B 195 31.04 7.59 9.51
CA TYR B 195 31.89 7.17 8.41
C TYR B 195 32.16 8.30 7.40
N VAL B 196 31.12 9.01 6.99
CA VAL B 196 31.27 10.08 5.97
C VAL B 196 31.69 11.43 6.56
N ASN B 197 31.50 11.63 7.87
CA ASN B 197 31.84 12.89 8.50
C ASN B 197 33.29 12.90 9.00
N VAL B 198 34.25 12.95 8.08
CA VAL B 198 35.68 12.89 8.42
C VAL B 198 36.10 14.16 9.18
N ILE B 199 35.49 15.29 8.84
CA ILE B 199 35.78 16.54 9.53
C ILE B 199 34.78 16.72 10.70
N ARG B 200 35.06 15.95 11.72
CA ARG B 200 34.37 15.94 13.00
C ARG B 200 34.30 17.30 13.68
N ASP B 201 35.46 17.81 14.13
CA ASP B 201 35.54 19.04 14.93
C ASP B 201 35.81 20.14 13.94
N ARG B 202 34.88 21.08 13.88
CA ARG B 202 34.85 22.00 12.76
C ARG B 202 35.69 23.26 12.88
N ASN B 203 36.68 23.29 13.80
CA ASN B 203 38.04 24.00 13.64
C ASN B 203 38.15 25.37 12.90
N THR B 204 39.28 26.08 12.86
CA THR B 204 40.31 26.21 13.87
C THR B 204 39.64 26.78 15.13
N ASP B 205 40.38 27.20 16.15
CA ASP B 205 41.79 27.45 16.06
C ASP B 205 42.67 26.22 16.23
N LYS B 206 42.42 25.13 15.48
CA LYS B 206 43.50 24.14 15.39
C LYS B 206 43.51 23.04 14.33
N ARG B 207 44.40 22.09 14.55
CA ARG B 207 44.62 21.04 13.60
C ARG B 207 43.61 19.95 13.80
N LEU B 208 43.30 19.35 12.66
CA LEU B 208 42.52 18.14 12.60
C LEU B 208 43.30 16.96 13.15
N ALA B 209 44.60 16.94 12.86
CA ALA B 209 45.43 15.84 13.33
C ALA B 209 44.71 14.52 13.04
N LEU B 210 44.17 14.40 11.82
CA LEU B 210 43.41 13.21 11.47
C LEU B 210 44.29 11.98 11.71
N LYS B 211 43.63 10.89 12.07
CA LYS B 211 44.28 9.59 12.39
C LYS B 211 45.10 8.85 11.33
N ARG B 212 46.42 8.95 11.38
CA ARG B 212 47.22 8.25 10.41
C ARG B 212 47.61 6.83 10.88
N PRO B 213 47.90 5.96 9.94
CA PRO B 213 47.66 6.24 8.54
C PRO B 213 46.17 6.51 8.28
N TYR B 214 45.91 7.42 7.35
CA TYR B 214 44.56 7.65 6.81
C TYR B 214 43.77 6.34 6.60
N HIS B 215 42.52 6.35 7.04
CA HIS B 215 41.58 5.29 6.68
C HIS B 215 41.36 5.30 5.16
N PRO B 216 41.00 4.16 4.56
CA PRO B 216 40.92 4.13 3.08
C PRO B 216 40.03 5.18 2.42
N HIS B 217 38.89 5.48 3.04
CA HIS B 217 37.97 6.54 2.57
C HIS B 217 38.60 7.93 2.55
N LEU B 218 39.35 8.26 3.60
CA LEU B 218 40.09 9.53 3.64
C LEU B 218 41.14 9.57 2.53
N ALA B 219 41.88 8.48 2.38
CA ALA B 219 42.93 8.42 1.38
C ALA B 219 42.32 8.66 0.00
N ARG B 220 41.19 7.99 -0.27
CA ARG B 220 40.47 8.16 -1.53
C ARG B 220 39.98 9.59 -1.73
N SER B 221 39.35 10.12 -0.70
CA SER B 221 38.80 11.43 -0.81
C SER B 221 39.91 12.47 -1.05
N LEU B 222 41.02 12.34 -0.32
CA LEU B 222 42.16 13.24 -0.52
C LEU B 222 42.57 13.31 -1.99
N GLU B 223 42.68 12.13 -2.58
CA GLU B 223 43.12 11.99 -3.94
C GLU B 223 42.11 12.57 -4.90
N GLN B 224 40.83 12.44 -4.58
CA GLN B 224 39.78 13.09 -5.36
C GLN B 224 39.80 14.62 -5.26
N LEU B 225 40.05 15.15 -4.07
CA LEU B 225 39.99 16.59 -3.86
C LEU B 225 41.27 17.37 -4.17
N LYS B 226 42.43 16.73 -4.03
CA LYS B 226 43.69 17.45 -4.17
C LYS B 226 43.78 18.17 -5.50
N PRO B 227 43.31 17.53 -6.61
CA PRO B 227 43.51 18.25 -7.87
C PRO B 227 42.80 19.59 -7.97
N PHE B 228 41.87 19.87 -7.05
CA PHE B 228 41.07 21.09 -7.06
C PHE B 228 41.56 22.17 -6.12
N PHE B 229 42.48 21.82 -5.22
CA PHE B 229 42.89 22.71 -4.14
C PHE B 229 43.52 24.02 -4.61
N VAL B 230 44.43 23.98 -5.56
CA VAL B 230 45.12 25.23 -5.97
C VAL B 230 44.14 26.20 -6.64
N SER B 231 43.37 25.69 -7.59
CA SER B 231 42.40 26.50 -8.33
C SER B 231 41.27 27.06 -7.44
N ILE B 232 40.67 26.23 -6.61
CA ILE B 232 39.54 26.67 -5.79
C ILE B 232 40.01 27.48 -4.60
N MET B 233 40.90 26.90 -3.79
CA MET B 233 41.31 27.53 -2.54
C MET B 233 42.37 28.61 -2.70
N LEU B 234 43.45 28.33 -3.44
CA LEU B 234 44.55 29.28 -3.51
C LEU B 234 44.27 30.43 -4.48
N GLU B 235 43.62 30.13 -5.60
CA GLU B 235 43.38 31.11 -6.65
C GLU B 235 42.00 31.76 -6.54
N GLU B 236 40.93 30.98 -6.71
CA GLU B 236 39.57 31.53 -6.79
C GLU B 236 39.12 32.18 -5.49
N GLN B 237 39.16 31.42 -4.40
CA GLN B 237 38.70 31.93 -3.12
C GLN B 237 39.78 32.77 -2.44
N ASN B 238 41.02 32.32 -2.45
CA ASN B 238 42.09 33.13 -1.86
C ASN B 238 41.72 33.70 -0.47
N PRO B 239 41.22 32.85 0.44
CA PRO B 239 40.80 33.37 1.76
C PRO B 239 41.96 33.83 2.66
N TRP B 240 43.19 33.52 2.29
CA TRP B 240 44.31 33.75 3.21
C TRP B 240 45.21 34.92 2.81
N GLU B 241 44.83 35.68 1.79
CA GLU B 241 45.53 36.92 1.47
C GLU B 241 45.33 37.92 2.61
N ASP B 242 44.11 37.98 3.12
CA ASP B 242 43.82 38.65 4.39
C ASP B 242 44.62 37.96 5.50
N ASP B 243 45.59 38.71 6.06
CA ASP B 243 46.55 38.19 7.02
C ASP B 243 45.94 37.66 8.31
N GLN B 244 45.03 38.43 8.90
CA GLN B 244 44.33 37.98 10.10
C GLN B 244 43.62 36.65 9.88
N HIS B 245 43.04 36.46 8.70
CA HIS B 245 42.41 35.19 8.39
C HIS B 245 43.40 34.05 8.17
N ALA B 246 44.57 34.36 7.64
CA ALA B 246 45.63 33.37 7.50
C ALA B 246 46.12 32.95 8.87
N ILE B 247 46.25 33.92 9.76
CA ILE B 247 46.76 33.64 11.09
C ILE B 247 45.72 32.83 11.84
N GLN B 248 44.44 33.12 11.60
CA GLN B 248 43.33 32.48 12.31
C GLN B 248 42.99 31.07 11.81
N THR B 249 43.16 30.79 10.52
CA THR B 249 42.65 29.54 9.92
C THR B 249 43.67 28.74 9.11
N LEU B 250 44.82 29.33 8.82
CA LEU B 250 45.86 28.63 8.07
C LEU B 250 46.92 28.12 9.05
N LEU B 251 47.52 29.02 9.84
CA LEU B 251 48.61 28.65 10.77
C LEU B 251 48.25 27.63 11.86
N PRO B 252 47.02 27.68 12.41
CA PRO B 252 46.66 26.70 13.44
C PRO B 252 46.62 25.27 12.92
N ALA B 253 46.59 25.10 11.61
CA ALA B 253 46.64 23.80 10.98
C ALA B 253 48.05 23.20 10.95
N LEU B 254 49.06 23.97 11.35
CA LEU B 254 50.45 23.51 11.33
C LEU B 254 50.85 22.98 12.70
N TYR B 255 51.93 22.22 12.73
CA TYR B 255 52.28 21.34 13.84
C TYR B 255 53.31 21.91 14.80
N ASP B 256 53.94 23.01 14.42
CA ASP B 256 55.12 23.52 15.13
C ASP B 256 54.99 24.98 15.51
N LYS B 257 55.12 25.29 16.80
CA LYS B 257 54.99 26.67 17.29
C LYS B 257 55.98 27.64 16.63
N GLN B 258 57.24 27.21 16.49
CA GLN B 258 58.28 28.05 15.91
C GLN B 258 57.96 28.45 14.47
N LEU B 259 57.49 27.48 13.69
CA LEU B 259 57.13 27.69 12.27
C LEU B 259 55.98 28.68 12.17
N ILE B 260 54.94 28.39 12.94
CA ILE B 260 53.82 29.30 13.11
C ILE B 260 54.33 30.70 13.46
N ASP B 261 55.10 30.82 14.53
CA ASP B 261 55.58 32.14 14.95
C ASP B 261 56.38 32.87 13.86
N SER B 262 57.21 32.13 13.10
CA SER B 262 58.03 32.71 12.06
C SER B 262 57.20 33.22 10.87
N LEU B 263 56.25 32.41 10.42
CA LEU B 263 55.34 32.78 9.34
C LEU B 263 54.53 33.99 9.78
N LYS B 264 54.02 33.91 10.99
CA LYS B 264 53.25 35.04 11.52
C LYS B 264 54.03 36.35 11.43
N LYS B 265 55.26 36.34 11.90
CA LYS B 265 56.08 37.54 11.86
C LYS B 265 56.33 38.00 10.43
N TYR B 266 56.62 37.05 9.55
CA TYR B 266 56.93 37.36 8.17
C TYR B 266 55.75 38.07 7.47
N TRP B 267 54.53 37.56 7.69
CA TRP B 267 53.34 38.12 7.07
C TRP B 267 52.91 39.43 7.74
N LEU B 268 53.16 39.56 9.03
CA LEU B 268 53.01 40.84 9.71
C LEU B 268 53.94 41.89 9.09
N ASP B 269 55.18 41.48 8.79
CA ASP B 269 56.21 42.35 8.22
C ASP B 269 55.97 42.63 6.72
N ASN B 270 55.43 41.62 6.03
CA ASN B 270 55.17 41.69 4.61
C ASN B 270 53.70 41.34 4.36
N PRO B 271 52.81 42.31 4.52
CA PRO B 271 51.38 42.00 4.54
C PRO B 271 50.75 41.71 3.18
N ARG B 272 49.62 40.99 3.21
CA ARG B 272 48.74 40.85 2.07
C ARG B 272 49.35 40.02 0.95
N ARG B 273 50.28 39.15 1.31
CA ARG B 273 50.81 38.17 0.36
C ARG B 273 49.67 37.19 0.02
N SER B 274 49.52 36.86 -1.26
CA SER B 274 48.40 36.04 -1.74
C SER B 274 48.36 34.68 -1.07
N SER B 275 47.25 33.98 -1.17
CA SER B 275 47.17 32.63 -0.62
C SER B 275 48.22 31.70 -1.24
N LYS B 276 48.45 31.81 -2.53
CA LYS B 276 49.47 31.00 -3.20
C LYS B 276 50.87 31.34 -2.67
N GLU B 277 51.17 32.63 -2.50
CA GLU B 277 52.44 33.06 -1.90
C GLU B 277 52.59 32.53 -0.47
N LYS B 278 51.54 32.62 0.33
CA LYS B 278 51.60 32.11 1.70
C LYS B 278 51.79 30.58 1.76
N TRP B 279 51.10 29.87 0.88
CA TRP B 279 51.19 28.40 0.82
C TRP B 279 52.63 27.98 0.56
N ASN B 280 53.29 28.71 -0.33
CA ASN B 280 54.71 28.53 -0.55
C ASN B 280 55.60 28.96 0.62
N ASP B 281 55.26 30.09 1.26
CA ASP B 281 56.08 30.57 2.37
C ASP B 281 56.19 29.50 3.42
N ILE B 282 55.12 28.73 3.62
CA ILE B 282 55.12 27.68 4.60
C ILE B 282 56.28 26.72 4.38
N ASP B 283 56.43 26.28 3.13
CA ASP B 283 57.46 25.35 2.73
C ASP B 283 58.85 25.97 2.88
N GLN B 284 59.02 27.17 2.33
CA GLN B 284 60.30 27.86 2.38
C GLN B 284 60.75 28.10 3.80
N ILE B 285 59.87 28.65 4.64
CA ILE B 285 60.30 28.89 6.00
C ILE B 285 60.58 27.58 6.73
N ALA B 286 59.76 26.56 6.52
CA ALA B 286 59.98 25.31 7.22
C ALA B 286 61.30 24.71 6.79
N THR B 287 61.65 24.93 5.53
CA THR B 287 62.90 24.41 5.00
C THR B 287 64.12 25.04 5.70
N SER B 288 64.09 26.35 5.92
CA SER B 288 65.18 27.03 6.60
C SER B 288 65.21 26.55 8.02
N LEU B 289 64.04 26.54 8.65
CA LEU B 289 63.97 26.18 10.05
C LEU B 289 64.40 24.76 10.43
N PHE B 290 64.24 23.80 9.52
CA PHE B 290 64.33 22.40 9.92
C PHE B 290 65.41 21.59 9.24
N LYS B 291 66.08 22.16 8.24
CA LYS B 291 67.27 21.53 7.65
C LYS B 291 68.17 21.00 8.78
N GLY B 292 68.69 19.78 8.63
CA GLY B 292 69.45 19.12 9.70
C GLY B 292 69.01 17.66 9.86
N PRO B 293 69.48 16.99 10.94
CA PRO B 293 69.29 15.55 11.01
C PRO B 293 67.83 15.08 10.96
N LYS B 294 66.90 15.94 11.37
CA LYS B 294 65.51 15.54 11.49
C LYS B 294 64.64 16.18 10.40
N GLN B 295 65.26 16.62 9.31
CA GLN B 295 64.53 17.32 8.27
C GLN B 295 63.46 16.44 7.61
N ASP B 296 63.74 15.13 7.53
CA ASP B 296 62.81 14.18 6.94
C ASP B 296 61.51 14.09 7.77
N SER B 297 61.65 14.01 9.09
CA SER B 297 60.50 13.99 9.99
C SER B 297 59.63 15.22 9.85
N HIS B 298 60.27 16.37 9.67
CA HIS B 298 59.56 17.64 9.50
C HIS B 298 58.95 17.76 8.11
N ILE B 299 59.62 17.23 7.10
CA ILE B 299 59.03 17.16 5.77
C ILE B 299 57.69 16.38 5.80
N ILE B 300 57.66 15.29 6.55
CA ILE B 300 56.48 14.43 6.61
C ILE B 300 55.37 15.11 7.39
N LYS B 301 55.71 15.71 8.52
CA LYS B 301 54.73 16.37 9.38
C LYS B 301 54.03 17.48 8.61
N LEU B 302 54.80 18.40 8.05
CA LEU B 302 54.23 19.48 7.25
C LEU B 302 53.32 18.99 6.13
N ARG B 303 53.75 17.97 5.39
CA ARG B 303 52.92 17.39 4.32
C ARG B 303 51.57 16.87 4.85
N GLU B 304 51.60 16.12 5.94
CA GLU B 304 50.41 15.64 6.65
C GLU B 304 49.45 16.80 7.02
N CYS B 305 50.01 17.87 7.59
CA CYS B 305 49.23 19.09 7.90
C CYS B 305 48.56 19.68 6.67
N LYS B 306 49.29 19.72 5.55
CA LYS B 306 48.76 20.31 4.33
C LYS B 306 47.67 19.42 3.73
N GLU B 307 47.87 18.09 3.75
CA GLU B 307 46.81 17.16 3.33
C GLU B 307 45.53 17.37 4.16
N ASP B 308 45.69 17.44 5.45
CA ASP B 308 44.57 17.65 6.35
C ASP B 308 43.86 18.96 6.02
N LEU B 309 44.63 19.98 5.64
CA LEU B 309 44.09 21.28 5.23
C LEU B 309 43.26 21.14 3.95
N VAL B 310 43.68 20.29 3.04
CA VAL B 310 42.88 20.04 1.86
C VAL B 310 41.50 19.49 2.27
N LEU B 311 41.50 18.57 3.23
CA LEU B 311 40.26 17.99 3.72
C LEU B 311 39.42 19.03 4.44
N MET B 312 40.03 19.74 5.37
CA MET B 312 39.37 20.83 6.12
C MET B 312 38.67 21.86 5.23
N THR B 313 39.22 22.16 4.07
CA THR B 313 38.65 23.19 3.19
C THR B 313 37.67 22.62 2.16
N LEU B 314 37.97 21.47 1.56
CA LEU B 314 37.16 20.93 0.44
C LEU B 314 36.24 19.73 0.73
N TYR B 315 36.50 18.99 1.81
CA TYR B 315 35.72 17.78 2.13
C TYR B 315 34.30 18.21 2.58
N PRO B 316 33.24 17.44 2.19
CA PRO B 316 31.90 17.84 2.58
C PRO B 316 31.69 18.17 4.07
N LYS B 317 31.12 19.33 4.32
CA LYS B 317 30.66 19.71 5.63
C LYS B 317 29.14 19.44 5.69
N LEU B 318 28.79 18.38 6.40
CA LEU B 318 27.40 17.94 6.59
C LEU B 318 26.70 18.61 7.81
N ASP B 319 25.41 18.84 7.69
CA ASP B 319 24.63 19.26 8.84
C ASP B 319 24.23 17.96 9.49
N VAL B 320 24.91 17.65 10.58
CA VAL B 320 24.96 16.27 11.09
C VAL B 320 23.65 15.66 11.56
N GLU B 321 22.87 16.39 12.36
CA GLU B 321 21.64 15.84 12.95
C GLU B 321 20.57 15.51 11.89
N VAL B 322 20.61 16.21 10.75
CA VAL B 322 19.72 15.94 9.64
C VAL B 322 19.87 14.47 9.27
N THR B 323 21.09 13.99 9.20
CA THR B 323 21.35 12.60 8.81
C THR B 323 21.05 11.57 9.93
N LYS B 324 21.34 11.94 11.18
CA LYS B 324 21.37 10.98 12.30
C LYS B 324 19.98 10.56 12.80
N GLN B 325 18.97 11.36 12.50
CA GLN B 325 17.68 11.14 13.13
C GLN B 325 16.67 10.57 12.13
N THR B 326 16.17 9.38 12.39
CA THR B 326 15.16 8.78 11.51
C THR B 326 13.94 9.69 11.34
N ILE B 327 13.54 10.41 12.38
CA ILE B 327 12.32 11.23 12.32
C ILE B 327 12.54 12.64 11.75
N HIS B 328 13.76 12.99 11.37
CA HIS B 328 14.05 14.37 11.02
C HIS B 328 13.28 14.84 9.78
N LEU B 329 12.74 16.04 9.87
CA LEU B 329 11.95 16.62 8.81
C LEU B 329 12.92 17.38 7.89
N LEU B 330 12.81 17.19 6.58
CA LEU B 330 13.59 17.97 5.64
C LEU B 330 12.69 18.49 4.51
N LYS B 331 12.96 19.71 4.04
CA LYS B 331 12.15 20.35 2.97
C LYS B 331 11.87 19.49 1.75
N ALA B 332 10.65 19.51 1.24
CA ALA B 332 10.36 18.70 0.04
C ALA B 332 10.96 19.27 -1.21
N PRO B 333 11.44 18.39 -2.11
CA PRO B 333 11.83 18.89 -3.37
C PRO B 333 10.70 19.61 -4.05
N PHE B 334 11.05 20.63 -4.85
CA PHE B 334 10.12 21.44 -5.66
C PHE B 334 9.34 22.51 -4.88
N CYS B 335 9.63 22.62 -3.59
CA CYS B 335 9.07 23.73 -2.81
C CYS B 335 9.64 25.01 -3.42
N ILE B 336 9.00 26.12 -3.11
CA ILE B 336 9.57 27.44 -3.40
C ILE B 336 10.32 27.90 -2.17
N HIS B 337 11.47 28.51 -2.36
CA HIS B 337 12.13 29.20 -1.24
C HIS B 337 11.60 30.62 -1.24
N PRO B 338 10.91 31.03 -0.15
CA PRO B 338 10.32 32.37 -0.15
C PRO B 338 11.30 33.55 -0.16
N ALA B 339 12.49 33.35 0.39
CA ALA B 339 13.54 34.37 0.41
C ALA B 339 14.14 34.65 -0.96
N THR B 340 14.36 33.60 -1.73
CA THR B 340 15.01 33.74 -3.02
C THR B 340 14.04 33.65 -4.22
N GLY B 341 12.87 33.06 -3.99
CA GLY B 341 11.93 32.78 -5.05
C GLY B 341 12.32 31.55 -5.87
N ASN B 342 13.39 30.89 -5.49
CA ASN B 342 13.91 29.75 -6.27
C ASN B 342 13.00 28.54 -6.06
N VAL B 343 12.95 27.64 -7.05
CA VAL B 343 12.31 26.34 -6.89
C VAL B 343 13.43 25.38 -6.45
N CYS B 344 13.15 24.50 -5.48
CA CYS B 344 14.10 23.52 -4.98
C CYS B 344 14.15 22.32 -5.92
N VAL B 345 14.84 22.51 -7.03
CA VAL B 345 14.93 21.53 -8.11
C VAL B 345 15.98 20.44 -7.87
N PRO B 346 15.78 19.25 -8.47
CA PRO B 346 16.87 18.27 -8.57
C PRO B 346 18.10 18.81 -9.30
N ILE B 347 19.26 18.35 -8.85
CA ILE B 347 20.58 18.83 -9.23
C ILE B 347 21.45 17.70 -9.80
N ASP B 348 22.40 18.07 -10.66
CA ASP B 348 23.60 17.27 -11.00
C ASP B 348 24.90 18.00 -10.51
N GLU B 349 26.11 17.41 -10.61
CA GLU B 349 27.36 18.19 -10.39
C GLU B 349 27.55 19.25 -11.49
N SER B 350 26.62 19.31 -12.43
CA SER B 350 26.62 20.31 -13.50
C SER B 350 25.75 21.54 -13.16
N PHE B 351 25.11 21.50 -12.00
CA PHE B 351 24.20 22.55 -11.57
C PHE B 351 24.88 23.86 -11.24
N ALA B 352 24.31 24.93 -11.74
CA ALA B 352 24.65 26.28 -11.28
C ALA B 352 23.46 26.73 -10.46
N PRO B 353 23.68 27.37 -9.29
CA PRO B 353 22.52 27.93 -8.57
C PRO B 353 21.79 29.02 -9.37
N GLU B 354 22.51 29.76 -10.19
CA GLU B 354 21.91 30.71 -11.13
C GLU B 354 20.95 30.05 -12.14
N LYS B 355 21.07 28.73 -12.29
CA LYS B 355 20.12 27.97 -13.12
C LYS B 355 18.81 27.68 -12.43
N ALA B 356 18.69 27.96 -11.13
CA ALA B 356 17.45 27.60 -10.47
C ALA B 356 16.33 28.48 -11.02
N PRO B 357 15.23 27.86 -11.45
CA PRO B 357 14.06 28.63 -11.87
C PRO B 357 13.48 29.43 -10.73
N LYS B 358 13.11 30.66 -11.03
CA LYS B 358 12.41 31.52 -10.06
C LYS B 358 10.93 31.48 -10.34
N LEU B 359 10.13 31.44 -9.27
CA LEU B 359 8.69 31.29 -9.37
C LEU B 359 8.04 32.37 -10.23
N ILE B 360 8.39 33.63 -9.99
CA ILE B 360 7.83 34.72 -10.77
C ILE B 360 8.12 34.54 -12.25
N ASP B 361 9.34 34.17 -12.59
CA ASP B 361 9.68 33.92 -13.98
C ASP B 361 8.83 32.80 -14.62
N LEU B 362 8.63 31.71 -13.88
CA LEU B 362 7.83 30.60 -14.38
C LEU B 362 6.38 31.03 -14.60
N GLN B 363 5.84 31.82 -13.70
CA GLN B 363 4.45 32.20 -13.89
C GLN B 363 4.26 33.13 -15.10
N THR B 364 5.27 33.94 -15.40
CA THR B 364 5.25 34.80 -16.61
C THR B 364 5.39 33.96 -17.83
N GLU B 365 6.24 32.96 -17.74
CA GLU B 365 6.54 32.09 -18.86
C GLU B 365 5.27 31.30 -19.22
N MET B 366 4.62 30.74 -18.20
CA MET B 366 3.41 29.94 -18.40
C MET B 366 2.27 30.71 -19.05
N GLU B 367 2.14 32.00 -18.73
CA GLU B 367 1.11 32.84 -19.35
C GLU B 367 1.56 33.25 -20.78
N LYS B 368 2.81 33.66 -20.91
CA LYS B 368 3.37 34.00 -22.22
C LYS B 368 3.10 32.85 -23.19
N ASN B 369 3.26 31.62 -22.72
CA ASN B 369 3.16 30.44 -23.59
C ASN B 369 1.78 29.79 -23.54
N ASN B 370 0.91 30.34 -22.68
CA ASN B 370 -0.46 29.89 -22.52
C ASN B 370 -0.54 28.38 -22.29
N ASP B 371 0.40 27.84 -21.51
CA ASP B 371 0.48 26.40 -21.32
C ASP B 371 1.31 26.11 -20.11
N VAL B 372 0.73 25.38 -19.16
CA VAL B 372 1.43 24.94 -17.94
C VAL B 372 2.72 24.18 -18.18
N SER B 373 2.77 23.39 -19.24
CA SER B 373 3.89 22.50 -19.52
C SER B 373 5.08 23.17 -20.20
N LEU B 374 4.91 24.42 -20.62
CA LEU B 374 5.93 25.14 -21.37
C LEU B 374 6.65 26.16 -20.48
N THR B 375 7.26 25.68 -19.40
CA THR B 375 8.14 26.52 -18.57
C THR B 375 9.52 25.89 -18.40
N ALA B 376 10.46 26.70 -17.91
CA ALA B 376 11.80 26.22 -17.61
C ALA B 376 11.80 25.16 -16.48
N LEU B 377 10.68 24.99 -15.78
CA LEU B 377 10.61 23.95 -14.77
C LEU B 377 10.31 22.60 -15.36
N GLN B 378 9.75 22.53 -16.56
CA GLN B 378 9.34 21.23 -17.12
C GLN B 378 10.46 20.21 -17.28
N PRO B 379 11.65 20.64 -17.74
CA PRO B 379 12.72 19.67 -17.91
C PRO B 379 13.14 19.05 -16.58
N PHE B 380 12.98 19.78 -15.46
CA PHE B 380 13.36 19.25 -14.13
C PHE B 380 12.28 18.28 -13.67
N ILE B 381 11.03 18.62 -13.96
CA ILE B 381 9.92 17.73 -13.67
C ILE B 381 10.10 16.42 -14.47
N ASN B 382 10.33 16.55 -15.78
CA ASN B 382 10.53 15.37 -16.62
C ASN B 382 11.67 14.44 -16.15
N GLN B 383 12.82 15.03 -15.82
CA GLN B 383 13.96 14.28 -15.28
C GLN B 383 13.61 13.60 -13.94
N PHE B 384 12.88 14.31 -13.08
CA PHE B 384 12.43 13.71 -11.83
C PHE B 384 11.43 12.56 -12.07
N GLN B 385 10.51 12.72 -13.01
CA GLN B 385 9.59 11.63 -13.35
C GLN B 385 10.39 10.40 -13.79
N ALA B 386 11.45 10.65 -14.54
CA ALA B 386 12.23 9.56 -15.08
C ALA B 386 12.96 8.85 -13.95
N TYR B 387 13.46 9.62 -13.00
CA TYR B 387 14.14 9.05 -11.84
C TYR B 387 13.16 8.19 -11.05
N VAL B 388 11.99 8.76 -10.79
CA VAL B 388 10.97 8.07 -9.97
C VAL B 388 10.54 6.76 -10.62
N SER B 389 10.28 6.78 -11.92
CA SER B 389 9.95 5.54 -12.64
C SER B 389 10.97 4.43 -12.42
N SER B 390 12.26 4.75 -12.58
CA SER B 390 13.34 3.80 -12.33
C SER B 390 13.30 3.24 -10.90
N LEU B 391 13.10 4.12 -9.93
CA LEU B 391 12.95 3.72 -8.51
C LEU B 391 11.80 2.75 -8.31
N LEU B 392 10.68 3.04 -8.94
CA LEU B 392 9.51 2.19 -8.80
C LEU B 392 9.80 0.83 -9.42
N LYS B 393 10.45 0.83 -10.58
CA LYS B 393 10.88 -0.44 -11.17
C LYS B 393 11.72 -1.23 -10.17
N ASN B 394 12.76 -0.60 -9.62
CA ASN B 394 13.68 -1.27 -8.68
C ASN B 394 13.01 -1.78 -7.41
N GLU B 395 12.08 -1.00 -6.85
CA GLU B 395 11.33 -1.40 -5.66
C GLU B 395 10.52 -2.67 -5.96
N LEU B 396 9.86 -2.68 -7.12
CA LEU B 396 9.06 -3.82 -7.55
C LEU B 396 9.96 -5.01 -7.88
N GLY B 397 11.10 -4.79 -8.47
CA GLY B 397 11.88 -5.91 -8.91
C GLY B 397 12.71 -6.40 -7.74
N SER B 398 12.38 -5.88 -6.57
CA SER B 398 13.11 -6.15 -5.37
C SER B 398 12.17 -6.96 -4.53
N VAL B 399 10.90 -6.77 -4.82
CA VAL B 399 9.84 -7.68 -4.38
C VAL B 399 9.84 -8.93 -5.27
N LYS B 400 10.29 -8.77 -6.51
CA LYS B 400 10.57 -9.91 -7.40
C LYS B 400 11.76 -10.76 -6.92
N ARG B 401 12.76 -10.10 -6.31
CA ARG B 401 13.87 -10.81 -5.67
C ARG B 401 13.43 -11.51 -4.37
N GLU B 402 12.50 -10.89 -3.63
CA GLU B 402 11.85 -11.55 -2.49
C GLU B 402 11.15 -12.83 -2.97
N ARG B 403 10.44 -12.75 -4.08
CA ARG B 403 9.78 -13.91 -4.68
C ARG B 403 10.80 -14.96 -5.16
N GLU B 404 11.90 -14.49 -5.75
CA GLU B 404 12.96 -15.38 -6.27
C GLU B 404 13.69 -16.10 -5.13
N ASP B 405 13.87 -15.42 -4.01
CA ASP B 405 14.40 -16.04 -2.79
C ASP B 405 13.38 -17.04 -2.22
N ASP B 406 12.10 -16.65 -2.24
CA ASP B 406 10.99 -17.51 -1.79
C ASP B 406 10.64 -18.63 -2.77
N ASP B 407 11.21 -18.61 -3.97
CA ASP B 407 10.94 -19.60 -5.02
C ASP B 407 11.35 -21.03 -4.61
N GLU B 408 12.16 -21.13 -3.57
CA GLU B 408 12.43 -22.39 -2.87
C GLU B 408 11.13 -23.10 -2.48
CD CD C . -31.00 -31.17 5.72
CD CD D . -25.20 -16.08 4.35
CD CD E . -27.65 -13.67 3.54
CD CD F . -32.54 -31.93 9.46
CD CD G . -30.26 -34.93 7.61
C1 CIT H . -24.86 -14.47 11.43
O1 CIT H . -25.75 -14.39 12.31
O2 CIT H . -23.65 -14.51 11.72
C2 CIT H . -25.27 -14.54 9.97
C3 CIT H . -25.23 -15.99 9.47
O7 CIT H . -26.23 -16.84 10.11
C4 CIT H . -25.33 -16.16 7.94
C5 CIT H . -25.41 -17.64 7.65
O3 CIT H . -25.72 -18.38 8.60
O4 CIT H . -25.09 -18.14 6.53
C6 CIT H . -23.88 -16.50 9.77
O5 CIT H . -22.90 -15.76 9.60
O6 CIT H . -23.83 -17.67 10.13
CD CD I . 29.92 32.57 -4.24
CD CD J . 20.24 22.77 4.02
CD CD K . 20.95 22.46 7.41
CD CD L . 28.69 36.49 -3.94
CD CD M . 29.96 35.29 -7.75
C1 CIT N . 14.85 27.14 4.58
O1 CIT N . 14.84 28.35 4.95
O2 CIT N . 13.89 26.44 4.88
C2 CIT N . 15.94 26.44 3.74
C3 CIT N . 17.34 26.54 4.34
O7 CIT N . 17.23 26.20 5.72
C4 CIT N . 18.50 25.57 4.02
C5 CIT N . 19.22 25.64 2.71
O3 CIT N . 18.93 26.53 1.87
O4 CIT N . 20.10 24.74 2.53
C6 CIT N . 17.72 27.98 4.26
O5 CIT N . 18.39 28.37 5.22
O6 CIT N . 17.34 28.75 3.35
#